data_7R3D
#
_entry.id   7R3D
#
_cell.length_a   62.960
_cell.length_b   95.110
_cell.length_c   69.360
_cell.angle_alpha   90.000
_cell.angle_beta   116.480
_cell.angle_gamma   90.000
#
_symmetry.space_group_name_H-M   'P 1 21 1'
#
loop_
_entity.id
_entity.type
_entity.pdbx_description
1 polymer 'Lactaldehyde reductase'
2 non-polymer ADENOSINE-5-DIPHOSPHORIBOSE
3 non-polymer 'FE (III) ION'
4 water water
#
_entity_poly.entity_id   1
_entity_poly.type   'polypeptide(L)'
_entity_poly.pdbx_seq_one_letter_code
;MMANRMILNETAWFGRGAVGALTDEVKRRGYQKALIVTDKTLVQCGVVAKVTDKMDAAGLAWAIYDGVVPNPTITVVKEG
LGVFQNSGADYLIAIGGGSPQDTCKAIGIISNNPEFADVRSLEGLSPTNKPSVPILAIPTTAGTAAEVTIGYVITDEEKR
RKFVCVDPHDIPQVAFIDADMMDGMPPALKAATGVDALTHAIEGYITRGAWALTDALHIKAIEIIAGALRGSVAGDKDAG
EEMALGQYVAGMGFSNVGVGLVHGMAHPLGAFYNTPHGVANAILLPHVMRYNADFTGEKYRDIARVMGVKVEGMGLEEAR
NAAVEAVFALNRDVGIPPHLRDVGVRKEDIPALAQAALDDVCTGGNPREATLEDIVELYHTAWTSHHHHH
;
_entity_poly.pdbx_strand_id   AAA,BBB
#
loop_
_chem_comp.id
_chem_comp.type
_chem_comp.name
_chem_comp.formula
APR non-polymer ADENOSINE-5-DIPHOSPHORIBOSE 'C15 H23 N5 O14 P2'
FE non-polymer 'FE (III) ION' 'Fe 3'
#
# COMPACT_ATOMS: atom_id res chain seq x y z
N ALA A 3 8.42 14.28 -7.94
CA ALA A 3 7.71 12.98 -7.77
C ALA A 3 7.55 12.69 -6.28
N ASN A 4 6.62 11.81 -5.96
CA ASN A 4 6.27 11.44 -4.57
C ASN A 4 6.67 9.99 -4.32
N ARG A 5 7.38 9.75 -3.23
CA ARG A 5 7.83 8.39 -2.82
C ARG A 5 6.80 7.76 -1.88
N MET A 6 6.56 6.46 -2.05
CA MET A 6 5.82 5.64 -1.05
C MET A 6 6.71 4.47 -0.61
N ILE A 7 6.96 4.37 0.68
CA ILE A 7 7.55 3.17 1.30
C ILE A 7 6.42 2.44 2.01
N LEU A 8 6.27 1.15 1.77
CA LEU A 8 5.22 0.34 2.41
C LEU A 8 5.83 -0.99 2.82
N ASN A 9 5.08 -1.78 3.57
CA ASN A 9 5.53 -3.16 3.85
C ASN A 9 5.45 -3.93 2.54
N GLU A 10 6.49 -4.69 2.21
CA GLU A 10 6.40 -5.58 1.04
C GLU A 10 5.37 -6.67 1.32
N THR A 11 5.27 -7.14 2.57
CA THR A 11 4.35 -8.23 2.98
C THR A 11 3.62 -7.81 4.25
N ALA A 12 2.32 -8.05 4.30
CA ALA A 12 1.52 -7.77 5.51
C ALA A 12 0.34 -8.73 5.55
N TRP A 13 0.03 -9.18 6.75
CA TRP A 13 -1.09 -10.10 7.03
C TRP A 13 -2.07 -9.38 7.94
N PHE A 14 -3.35 -9.42 7.61
CA PHE A 14 -4.40 -8.65 8.31
C PHE A 14 -5.52 -9.59 8.77
N GLY A 15 -5.95 -9.42 10.00
CA GLY A 15 -7.18 -10.06 10.49
C GLY A 15 -6.90 -10.82 11.76
N ARG A 16 -7.96 -11.23 12.42
CA ARG A 16 -7.83 -12.04 13.65
C ARG A 16 -7.17 -13.34 13.24
N GLY A 17 -6.12 -13.73 13.98
CA GLY A 17 -5.33 -14.94 13.70
C GLY A 17 -4.16 -14.68 12.78
N ALA A 18 -3.95 -13.44 12.31
CA ALA A 18 -2.84 -13.12 11.37
C ALA A 18 -1.48 -13.54 11.93
N VAL A 19 -1.26 -13.54 13.24
CA VAL A 19 0.06 -14.01 13.79
C VAL A 19 0.28 -15.49 13.45
N GLY A 20 -0.77 -16.23 13.10
CA GLY A 20 -0.69 -17.62 12.61
C GLY A 20 0.16 -17.77 11.36
N ALA A 21 0.38 -16.68 10.63
CA ALA A 21 1.17 -16.66 9.38
C ALA A 21 2.67 -16.52 9.67
N LEU A 22 3.06 -16.18 10.90
CA LEU A 22 4.47 -15.82 11.17
C LEU A 22 5.41 -17.02 10.93
N THR A 23 5.09 -18.21 11.44
CA THR A 23 6.06 -19.33 11.38
C THR A 23 6.35 -19.71 9.93
N ASP A 24 5.34 -19.69 9.05
CA ASP A 24 5.57 -19.98 7.61
C ASP A 24 6.37 -18.84 6.96
N GLU A 25 6.13 -17.58 7.31
CA GLU A 25 6.96 -16.47 6.76
C GLU A 25 8.42 -16.64 7.16
N VAL A 26 8.69 -17.03 8.41
CA VAL A 26 10.08 -17.24 8.90
C VAL A 26 10.71 -18.40 8.11
N LYS A 27 9.97 -19.50 7.92
CA LYS A 27 10.50 -20.70 7.22
C LYS A 27 10.80 -20.34 5.76
N ARG A 28 9.93 -19.57 5.11
CA ARG A 28 10.11 -19.18 3.69
C ARG A 28 11.34 -18.27 3.57
N ARG A 29 11.70 -17.52 4.62
CA ARG A 29 12.81 -16.54 4.58
C ARG A 29 14.13 -17.17 5.02
N GLY A 30 14.09 -18.35 5.64
CA GLY A 30 15.31 -19.12 5.99
C GLY A 30 16.00 -18.55 7.22
N TYR A 31 15.34 -17.70 8.00
CA TYR A 31 15.92 -17.13 9.24
C TYR A 31 16.11 -18.24 10.27
N GLN A 32 17.13 -18.09 11.12
CA GLN A 32 17.55 -19.14 12.08
C GLN A 32 17.12 -18.83 13.51
N LYS A 33 17.03 -17.56 13.92
CA LYS A 33 16.74 -17.26 15.34
C LYS A 33 16.26 -15.82 15.49
N ALA A 34 15.12 -15.63 16.16
CA ALA A 34 14.54 -14.29 16.42
C ALA A 34 15.11 -13.71 17.71
N LEU A 35 15.19 -12.38 17.77
CA LEU A 35 15.10 -11.65 19.06
C LEU A 35 13.74 -10.96 19.07
N ILE A 36 12.92 -11.32 20.04
CA ILE A 36 11.63 -10.66 20.31
C ILE A 36 11.91 -9.43 21.15
N VAL A 37 11.47 -8.28 20.66
CA VAL A 37 11.59 -6.99 21.39
C VAL A 37 10.20 -6.63 21.86
N THR A 38 10.03 -6.50 23.18
CA THR A 38 8.70 -6.35 23.82
C THR A 38 8.89 -5.71 25.18
N ASP A 39 7.83 -5.68 25.96
CA ASP A 39 7.89 -5.12 27.34
C ASP A 39 7.31 -6.15 28.31
N LYS A 40 7.52 -5.91 29.60
CA LYS A 40 7.17 -6.89 30.65
C LYS A 40 5.65 -7.05 30.75
N THR A 41 4.88 -6.00 30.51
CA THR A 41 3.40 -6.06 30.57
C THR A 41 2.91 -7.10 29.57
N LEU A 42 3.44 -7.06 28.36
CA LEU A 42 2.96 -7.95 27.26
C LEU A 42 3.38 -9.40 27.53
N VAL A 43 4.52 -9.63 28.18
CA VAL A 43 4.88 -11.01 28.63
C VAL A 43 3.88 -11.47 29.70
N GLN A 44 3.65 -10.63 30.71
CA GLN A 44 2.79 -10.94 31.90
C GLN A 44 1.35 -11.21 31.45
N CYS A 45 0.82 -10.40 30.54
CA CYS A 45 -0.59 -10.48 30.04
C CYS A 45 -0.77 -11.68 29.10
N GLY A 46 0.31 -12.39 28.74
CA GLY A 46 0.27 -13.59 27.87
C GLY A 46 0.22 -13.25 26.39
N VAL A 47 0.37 -11.97 26.03
CA VAL A 47 0.34 -11.52 24.61
C VAL A 47 1.55 -12.10 23.86
N VAL A 48 2.74 -12.07 24.46
CA VAL A 48 3.98 -12.57 23.80
C VAL A 48 3.84 -14.08 23.53
N ALA A 49 3.23 -14.82 24.46
CA ALA A 49 3.06 -16.29 24.35
C ALA A 49 2.20 -16.64 23.13
N LYS A 50 1.27 -15.77 22.74
CA LYS A 50 0.44 -15.98 21.51
C LYS A 50 1.36 -16.19 20.31
N VAL A 51 2.55 -15.59 20.31
CA VAL A 51 3.58 -15.73 19.24
C VAL A 51 4.54 -16.85 19.59
N THR A 52 5.11 -16.86 20.79
CA THR A 52 6.22 -17.80 21.11
C THR A 52 5.70 -19.24 21.18
N ASP A 53 4.46 -19.47 21.58
CA ASP A 53 3.84 -20.82 21.59
C ASP A 53 3.82 -21.37 20.16
N LYS A 54 3.49 -20.53 19.16
CA LYS A 54 3.46 -20.97 17.75
C LYS A 54 4.88 -21.22 17.26
N MET A 55 5.84 -20.37 17.66
CA MET A 55 7.25 -20.56 17.26
C MET A 55 7.76 -21.86 17.87
N ASP A 56 7.38 -22.15 19.12
CA ASP A 56 7.82 -23.37 19.83
C ASP A 56 7.26 -24.59 19.10
N ALA A 57 5.98 -24.59 18.75
CA ALA A 57 5.31 -25.70 18.05
C ALA A 57 5.94 -25.93 16.68
N ALA A 58 6.45 -24.89 16.01
CA ALA A 58 7.06 -24.97 14.67
C ALA A 58 8.56 -25.22 14.76
N GLY A 59 9.13 -25.26 15.97
CA GLY A 59 10.58 -25.50 16.18
C GLY A 59 11.45 -24.31 15.83
N LEU A 60 10.91 -23.08 15.89
CA LEU A 60 11.70 -21.87 15.54
C LEU A 60 12.29 -21.25 16.81
N ALA A 61 13.61 -21.06 16.81
CA ALA A 61 14.40 -20.51 17.93
C ALA A 61 14.09 -19.02 18.14
N TRP A 62 14.02 -18.59 19.39
CA TRP A 62 13.88 -17.15 19.75
C TRP A 62 14.54 -16.88 21.11
N ALA A 63 15.05 -15.66 21.23
CA ALA A 63 15.47 -15.01 22.48
C ALA A 63 14.52 -13.83 22.69
N ILE A 64 14.50 -13.26 23.89
CA ILE A 64 13.58 -12.14 24.20
C ILE A 64 14.37 -11.02 24.88
N TYR A 65 14.01 -9.79 24.54
CA TYR A 65 14.39 -8.57 25.29
C TYR A 65 13.09 -7.90 25.70
N ASP A 66 12.81 -7.84 26.99
CA ASP A 66 11.51 -7.30 27.47
C ASP A 66 11.74 -6.03 28.28
N GLY A 67 12.84 -5.32 28.04
CA GLY A 67 13.24 -4.16 28.83
C GLY A 67 12.65 -2.86 28.29
N VAL A 68 11.81 -2.93 27.25
CA VAL A 68 11.25 -1.67 26.68
C VAL A 68 10.35 -0.97 27.69
N VAL A 69 10.50 0.35 27.81
CA VAL A 69 9.63 1.23 28.64
C VAL A 69 8.86 2.12 27.69
N PRO A 70 7.66 2.60 28.09
CA PRO A 70 6.96 3.61 27.31
C PRO A 70 7.84 4.84 27.06
N ASN A 71 7.80 5.37 25.84
CA ASN A 71 8.69 6.47 25.39
C ASN A 71 10.11 5.95 25.51
N PRO A 72 10.49 4.96 24.68
CA PRO A 72 11.74 4.25 24.87
C PRO A 72 12.93 5.20 24.78
N THR A 73 13.91 4.94 25.63
CA THR A 73 15.08 5.80 25.83
C THR A 73 16.29 5.27 25.08
N ILE A 74 17.31 6.10 25.00
CA ILE A 74 18.62 5.70 24.44
C ILE A 74 19.12 4.49 25.26
N THR A 75 18.97 4.53 26.57
CA THR A 75 19.41 3.41 27.45
C THR A 75 18.75 2.10 27.01
N VAL A 76 17.44 2.10 26.78
CA VAL A 76 16.69 0.88 26.37
C VAL A 76 17.19 0.41 25.01
N VAL A 77 17.42 1.34 24.07
CA VAL A 77 17.94 0.95 22.74
C VAL A 77 19.31 0.28 22.90
N LYS A 78 20.21 0.90 23.66
CA LYS A 78 21.57 0.33 23.85
C LYS A 78 21.50 -1.03 24.53
N GLU A 79 20.63 -1.20 25.53
CA GLU A 79 20.48 -2.48 26.25
C GLU A 79 19.95 -3.54 25.27
N GLY A 80 18.90 -3.20 24.53
CA GLY A 80 18.30 -4.12 23.54
C GLY A 80 19.29 -4.49 22.45
N LEU A 81 20.13 -3.53 22.02
CA LEU A 81 21.14 -3.76 20.97
C LEU A 81 22.16 -4.77 21.48
N GLY A 82 22.60 -4.59 22.73
CA GLY A 82 23.57 -5.53 23.32
C GLY A 82 23.01 -6.94 23.38
N VAL A 83 21.75 -7.04 23.79
CA VAL A 83 21.06 -8.36 23.89
C VAL A 83 20.99 -8.93 22.48
N PHE A 84 20.63 -8.12 21.49
CA PHE A 84 20.51 -8.59 20.10
C PHE A 84 21.86 -9.12 19.61
N GLN A 85 22.92 -8.34 19.75
CA GLN A 85 24.29 -8.68 19.24
C GLN A 85 24.75 -9.98 19.90
N ASN A 86 24.48 -10.13 21.20
CA ASN A 86 24.97 -11.30 21.97
C ASN A 86 24.11 -12.55 21.74
N SER A 87 22.89 -12.40 21.24
CA SER A 87 21.88 -13.49 21.17
C SER A 87 22.17 -14.41 19.97
N GLY A 88 22.88 -13.90 18.97
CA GLY A 88 23.12 -14.62 17.70
C GLY A 88 21.91 -14.60 16.79
N ALA A 89 20.84 -13.89 17.15
CA ALA A 89 19.63 -13.78 16.32
C ALA A 89 19.98 -13.14 14.97
N ASP A 90 19.28 -13.55 13.91
CA ASP A 90 19.49 -12.99 12.55
C ASP A 90 18.27 -12.17 12.11
N TYR A 91 17.23 -12.08 12.93
CA TYR A 91 16.07 -11.21 12.64
C TYR A 91 15.40 -10.81 13.95
N LEU A 92 14.57 -9.78 13.85
CA LEU A 92 13.85 -9.19 14.99
C LEU A 92 12.37 -9.44 14.83
N ILE A 93 11.68 -9.74 15.91
CA ILE A 93 10.20 -9.70 15.99
C ILE A 93 9.82 -8.65 17.02
N ALA A 94 9.19 -7.56 16.56
CA ALA A 94 8.69 -6.52 17.46
C ALA A 94 7.27 -6.90 17.91
N ILE A 95 7.07 -7.13 19.20
CA ILE A 95 5.71 -7.39 19.73
C ILE A 95 5.36 -6.26 20.67
N GLY A 96 4.44 -5.40 20.27
CA GLY A 96 3.91 -4.38 21.17
C GLY A 96 3.46 -3.14 20.43
N GLY A 97 3.27 -2.09 21.20
CA GLY A 97 2.89 -0.79 20.63
C GLY A 97 4.09 -0.08 20.03
N GLY A 98 3.95 1.22 19.85
CA GLY A 98 5.02 2.05 19.30
C GLY A 98 6.31 1.90 20.08
N SER A 99 6.27 1.72 21.40
CA SER A 99 7.53 1.77 22.19
C SER A 99 8.42 0.58 21.81
N PRO A 100 7.95 -0.69 21.87
CA PRO A 100 8.77 -1.81 21.41
C PRO A 100 9.08 -1.74 19.92
N GLN A 101 8.14 -1.30 19.08
CA GLN A 101 8.41 -1.30 17.62
CA GLN A 101 8.35 -1.24 17.61
C GLN A 101 9.48 -0.25 17.28
N ASP A 102 9.44 0.90 17.94
CA ASP A 102 10.45 1.95 17.66
C ASP A 102 11.80 1.49 18.20
N THR A 103 11.83 0.86 19.37
CA THR A 103 13.09 0.32 19.94
C THR A 103 13.68 -0.68 18.96
N CYS A 104 12.83 -1.53 18.41
CA CYS A 104 13.24 -2.60 17.49
C CYS A 104 13.87 -2.00 16.21
N LYS A 105 13.27 -0.94 15.67
CA LYS A 105 13.81 -0.24 14.48
C LYS A 105 15.19 0.33 14.79
N ALA A 106 15.36 0.98 15.93
CA ALA A 106 16.67 1.55 16.28
C ALA A 106 17.69 0.41 16.39
N ILE A 107 17.34 -0.69 17.04
CA ILE A 107 18.26 -1.84 17.20
C ILE A 107 18.64 -2.40 15.83
N GLY A 108 17.64 -2.66 14.97
CA GLY A 108 17.88 -3.25 13.66
C GLY A 108 18.78 -2.36 12.80
N ILE A 109 18.56 -1.05 12.86
CA ILE A 109 19.37 -0.06 12.08
C ILE A 109 20.80 -0.07 12.63
N ILE A 110 20.97 0.10 13.94
CA ILE A 110 22.34 0.28 14.50
C ILE A 110 23.11 -1.03 14.29
N SER A 111 22.47 -2.17 14.43
CA SER A 111 23.17 -3.47 14.29
C SER A 111 23.86 -3.52 12.93
N ASN A 112 23.23 -3.02 11.87
CA ASN A 112 23.80 -3.06 10.50
C ASN A 112 24.50 -1.75 10.13
N ASN A 113 24.43 -0.72 10.97
CA ASN A 113 25.04 0.61 10.74
C ASN A 113 25.70 1.05 12.04
N PRO A 114 26.80 0.38 12.46
CA PRO A 114 27.34 0.55 13.81
C PRO A 114 27.89 1.95 14.12
N GLU A 115 28.14 2.78 13.11
CA GLU A 115 28.61 4.18 13.35
C GLU A 115 27.50 5.01 14.04
N PHE A 116 26.28 4.47 14.19
CA PHE A 116 25.15 5.17 14.86
C PHE A 116 24.93 4.63 16.28
N ALA A 117 25.94 4.01 16.87
CA ALA A 117 25.81 3.33 18.17
C ALA A 117 25.45 4.30 19.31
N ASP A 118 25.66 5.62 19.17
CA ASP A 118 25.26 6.57 20.25
C ASP A 118 23.75 6.83 20.21
N VAL A 119 23.06 6.33 19.19
CA VAL A 119 21.59 6.43 18.97
C VAL A 119 21.23 7.88 18.58
N ARG A 120 21.74 8.88 19.29
CA ARG A 120 21.48 10.32 19.02
C ARG A 120 21.71 10.67 17.55
N SER A 121 22.75 10.10 16.95
CA SER A 121 23.21 10.39 15.57
C SER A 121 22.19 9.93 14.53
N LEU A 122 21.15 9.18 14.93
CA LEU A 122 20.09 8.73 13.98
C LEU A 122 19.05 9.82 13.73
N GLU A 123 19.02 10.90 14.52
CA GLU A 123 17.95 11.92 14.45
C GLU A 123 17.88 12.51 13.04
N GLY A 124 16.66 12.76 12.55
CA GLY A 124 16.40 13.35 11.23
C GLY A 124 16.42 12.30 10.13
N LEU A 125 16.88 12.65 8.94
CA LEU A 125 16.96 11.72 7.79
C LEU A 125 18.24 10.90 7.94
N SER A 126 18.19 9.82 8.72
CA SER A 126 19.40 9.04 9.11
C SER A 126 20.15 8.67 7.84
N PRO A 127 21.43 9.07 7.69
CA PRO A 127 22.20 8.73 6.50
C PRO A 127 22.82 7.32 6.59
N THR A 128 21.96 6.31 6.79
CA THR A 128 22.37 4.90 6.90
C THR A 128 22.62 4.33 5.51
N ASN A 129 23.67 3.54 5.37
CA ASN A 129 24.05 2.91 4.08
C ASN A 129 23.40 1.53 3.94
N LYS A 130 23.00 0.87 5.03
CA LYS A 130 22.58 -0.55 4.98
C LYS A 130 21.18 -0.69 5.56
N PRO A 131 20.33 -1.57 4.97
CA PRO A 131 19.03 -1.86 5.56
C PRO A 131 19.14 -2.36 6.99
N SER A 132 18.08 -2.14 7.77
CA SER A 132 17.93 -2.74 9.11
C SER A 132 18.08 -4.27 9.02
N VAL A 133 18.54 -4.90 10.09
CA VAL A 133 18.23 -6.32 10.36
C VAL A 133 16.76 -6.52 10.02
N PRO A 134 16.35 -7.61 9.35
CA PRO A 134 14.94 -7.81 9.04
C PRO A 134 14.06 -7.76 10.29
N ILE A 135 12.95 -7.02 10.22
CA ILE A 135 11.97 -6.89 11.32
C ILE A 135 10.64 -7.49 10.86
N LEU A 136 10.09 -8.36 11.69
CA LEU A 136 8.69 -8.83 11.61
C LEU A 136 7.92 -8.10 12.71
N ALA A 137 6.96 -7.26 12.34
CA ALA A 137 6.31 -6.29 13.25
C ALA A 137 4.89 -6.78 13.61
N ILE A 138 4.59 -6.85 14.90
CA ILE A 138 3.30 -7.36 15.43
C ILE A 138 2.75 -6.33 16.40
N PRO A 139 1.94 -5.36 15.93
CA PRO A 139 1.36 -4.38 16.84
C PRO A 139 0.37 -4.96 17.85
N THR A 140 0.37 -4.39 19.05
CA THR A 140 -0.58 -4.76 20.13
C THR A 140 -1.41 -3.54 20.55
N THR A 141 -1.23 -2.38 19.92
CA THR A 141 -2.12 -1.20 20.12
C THR A 141 -2.68 -0.78 18.77
N ALA A 142 -3.69 0.08 18.78
CA ALA A 142 -4.43 0.46 17.55
C ALA A 142 -4.67 1.95 17.54
N GLY A 143 -3.62 2.74 17.37
CA GLY A 143 -2.26 2.26 17.20
C GLY A 143 -1.35 3.30 16.55
N THR A 144 -0.05 3.08 16.59
CA THR A 144 0.96 4.04 16.11
C THR A 144 1.27 3.81 14.64
N ALA A 145 0.86 2.68 14.08
CA ALA A 145 1.22 2.21 12.74
C ALA A 145 2.74 2.07 12.61
N ALA A 146 3.47 1.85 13.70
CA ALA A 146 4.94 1.68 13.60
C ALA A 146 5.29 0.52 12.67
N GLU A 147 4.40 -0.46 12.49
CA GLU A 147 4.69 -1.64 11.62
C GLU A 147 4.88 -1.21 10.17
N VAL A 148 4.34 -0.05 9.76
CA VAL A 148 4.36 0.34 8.32
C VAL A 148 5.03 1.70 8.13
N THR A 149 5.45 2.39 9.18
CA THR A 149 6.05 3.73 9.02
C THR A 149 7.57 3.61 8.90
N ILE A 150 8.21 4.66 8.37
CA ILE A 150 9.70 4.73 8.31
C ILE A 150 10.23 5.60 9.46
N GLY A 151 9.37 6.11 10.33
CA GLY A 151 9.78 6.93 11.48
C GLY A 151 9.94 6.10 12.73
N TYR A 152 10.74 6.58 13.66
CA TYR A 152 10.74 6.07 15.04
C TYR A 152 11.25 7.18 15.93
N VAL A 153 10.83 7.14 17.18
CA VAL A 153 11.09 8.29 18.10
CA VAL A 153 11.00 8.27 18.13
C VAL A 153 11.67 7.75 19.40
N ILE A 154 12.85 8.27 19.74
CA ILE A 154 13.62 7.80 20.91
C ILE A 154 13.75 8.97 21.88
N THR A 155 13.73 8.70 23.18
CA THR A 155 13.89 9.71 24.24
C THR A 155 15.36 9.76 24.65
N ASP A 156 15.94 10.94 24.54
CA ASP A 156 17.27 11.28 25.08
C ASP A 156 17.06 11.80 26.50
N GLU A 157 17.25 10.98 27.53
CA GLU A 157 16.96 11.38 28.93
C GLU A 157 17.90 12.52 29.33
N GLU A 158 19.17 12.43 28.95
CA GLU A 158 20.19 13.43 29.36
C GLU A 158 19.78 14.81 28.86
N LYS A 159 19.32 14.91 27.62
CA LYS A 159 19.01 16.21 26.96
C LYS A 159 17.50 16.48 27.05
N ARG A 160 16.75 15.59 27.71
CA ARG A 160 15.29 15.73 27.99
C ARG A 160 14.57 16.10 26.69
N ARG A 161 14.72 15.28 25.65
CA ARG A 161 14.06 15.51 24.35
C ARG A 161 13.76 14.17 23.67
N LYS A 162 12.64 14.12 22.97
CA LYS A 162 12.25 12.99 22.09
C LYS A 162 12.70 13.37 20.68
N PHE A 163 13.50 12.54 20.02
CA PHE A 163 14.04 12.85 18.68
C PHE A 163 13.51 11.84 17.66
N VAL A 164 13.16 12.38 16.49
CA VAL A 164 12.50 11.63 15.39
C VAL A 164 13.59 11.20 14.42
N CYS A 165 13.59 9.92 14.08
CA CYS A 165 14.51 9.28 13.11
C CYS A 165 13.66 8.79 11.94
N VAL A 166 14.01 9.20 10.73
CA VAL A 166 13.23 8.89 9.50
C VAL A 166 14.17 8.21 8.51
N ASP A 167 13.84 7.00 8.09
CA ASP A 167 14.82 6.18 7.35
C ASP A 167 14.10 5.03 6.64
N PRO A 168 14.02 5.07 5.29
CA PRO A 168 13.46 3.94 4.55
C PRO A 168 14.09 2.58 4.91
N HIS A 169 15.35 2.59 5.33
CA HIS A 169 16.07 1.34 5.73
C HIS A 169 15.42 0.64 6.92
N ASP A 170 14.57 1.31 7.70
CA ASP A 170 13.99 0.69 8.92
C ASP A 170 12.65 -0.01 8.65
N ILE A 171 12.14 0.01 7.41
CA ILE A 171 10.76 -0.52 7.16
C ILE A 171 10.73 -2.00 7.50
N PRO A 172 9.77 -2.48 8.32
CA PRO A 172 9.63 -3.92 8.55
C PRO A 172 9.39 -4.69 7.24
N GLN A 173 9.95 -5.89 7.17
CA GLN A 173 9.77 -6.79 6.01
C GLN A 173 8.37 -7.40 6.02
N VAL A 174 7.81 -7.70 7.19
CA VAL A 174 6.44 -8.25 7.29
C VAL A 174 5.77 -7.59 8.48
N ALA A 175 4.51 -7.22 8.30
CA ALA A 175 3.64 -6.75 9.39
C ALA A 175 2.53 -7.78 9.58
N PHE A 176 2.21 -8.06 10.83
CA PHE A 176 1.07 -8.92 11.18
C PHE A 176 0.11 -8.10 12.04
N ILE A 177 -1.03 -7.74 11.50
CA ILE A 177 -2.01 -6.81 12.10
C ILE A 177 -3.20 -7.65 12.55
N ASP A 178 -3.18 -8.05 13.81
CA ASP A 178 -4.05 -9.12 14.35
C ASP A 178 -4.77 -8.54 15.56
N ALA A 179 -6.07 -8.29 15.45
CA ALA A 179 -6.82 -7.64 16.54
C ALA A 179 -6.84 -8.54 17.77
N ASP A 180 -6.59 -9.86 17.63
CA ASP A 180 -6.48 -10.75 18.81
C ASP A 180 -5.33 -10.27 19.71
N MET A 181 -4.29 -9.67 19.13
CA MET A 181 -3.10 -9.17 19.87
C MET A 181 -3.43 -7.86 20.58
N MET A 182 -4.54 -7.22 20.23
CA MET A 182 -4.90 -5.85 20.68
C MET A 182 -6.06 -5.87 21.68
N ASP A 183 -6.84 -6.96 21.74
CA ASP A 183 -8.11 -7.01 22.52
C ASP A 183 -7.87 -6.76 24.01
N GLY A 184 -6.70 -7.11 24.53
CA GLY A 184 -6.35 -6.97 25.95
C GLY A 184 -6.02 -5.53 26.34
N MET A 185 -5.89 -4.60 25.39
CA MET A 185 -5.69 -3.17 25.74
C MET A 185 -6.76 -2.76 26.74
N PRO A 186 -6.41 -2.11 27.87
CA PRO A 186 -7.43 -1.42 28.66
C PRO A 186 -8.18 -0.42 27.80
N PRO A 187 -9.48 -0.20 28.07
CA PRO A 187 -10.25 0.81 27.34
C PRO A 187 -9.55 2.16 27.20
N ALA A 188 -8.88 2.64 28.23
CA ALA A 188 -8.19 3.94 28.19
C ALA A 188 -7.04 3.90 27.19
N LEU A 189 -6.38 2.76 27.05
CA LEU A 189 -5.27 2.59 26.06
C LEU A 189 -5.86 2.45 24.65
N LYS A 190 -6.99 1.78 24.48
CA LYS A 190 -7.70 1.78 23.18
C LYS A 190 -8.06 3.22 22.78
N ALA A 191 -8.55 4.01 23.73
CA ALA A 191 -8.97 5.41 23.48
C ALA A 191 -7.75 6.23 23.06
N ALA A 192 -6.68 6.21 23.84
CA ALA A 192 -5.48 7.05 23.57
C ALA A 192 -4.82 6.63 22.25
N THR A 193 -4.65 5.33 22.01
CA THR A 193 -3.93 4.88 20.79
C THR A 193 -4.85 5.10 19.58
N GLY A 194 -6.17 5.00 19.76
CA GLY A 194 -7.12 5.27 18.67
C GLY A 194 -7.10 6.74 18.29
N VAL A 195 -7.04 7.65 19.25
CA VAL A 195 -6.97 9.08 18.89
C VAL A 195 -5.56 9.42 18.38
N ASP A 196 -4.52 8.69 18.77
CA ASP A 196 -3.19 8.85 18.12
C ASP A 196 -3.39 8.53 16.63
N ALA A 197 -4.04 7.42 16.33
CA ALA A 197 -4.25 7.01 14.93
C ALA A 197 -5.07 8.09 14.22
N LEU A 198 -6.15 8.58 14.83
CA LEU A 198 -6.97 9.67 14.23
C LEU A 198 -6.08 10.88 13.97
N THR A 199 -5.20 11.22 14.91
CA THR A 199 -4.27 12.37 14.76
C THR A 199 -3.35 12.14 13.55
N HIS A 200 -2.78 10.97 13.43
CA HIS A 200 -1.95 10.63 12.24
C HIS A 200 -2.75 10.93 10.97
N ALA A 201 -3.98 10.46 10.91
CA ALA A 201 -4.79 10.55 9.67
C ALA A 201 -5.20 12.01 9.41
N ILE A 202 -5.60 12.75 10.44
CA ILE A 202 -6.00 14.18 10.23
C ILE A 202 -4.76 14.98 9.88
N GLU A 203 -3.68 14.85 10.65
CA GLU A 203 -2.46 15.64 10.36
C GLU A 203 -1.92 15.22 8.99
N GLY A 204 -1.94 13.94 8.66
CA GLY A 204 -1.48 13.49 7.33
C GLY A 204 -2.34 14.04 6.21
N TYR A 205 -3.64 14.13 6.42
CA TYR A 205 -4.60 14.63 5.42
C TYR A 205 -4.24 16.08 5.07
N ILE A 206 -3.79 16.88 6.05
CA ILE A 206 -3.61 18.36 5.85
C ILE A 206 -2.13 18.75 5.80
N THR A 207 -1.21 17.80 5.85
CA THR A 207 0.24 18.09 5.88
C THR A 207 0.66 18.77 4.56
N ARG A 208 1.75 19.52 4.61
CA ARG A 208 2.23 20.29 3.43
C ARG A 208 2.49 19.35 2.24
N GLY A 209 3.04 18.16 2.49
CA GLY A 209 3.37 17.21 1.41
C GLY A 209 2.22 16.35 0.92
N ALA A 210 0.99 16.55 1.37
CA ALA A 210 -0.16 15.71 0.97
C ALA A 210 -0.28 15.65 -0.55
N TRP A 211 -0.64 14.50 -1.08
CA TRP A 211 -0.98 14.36 -2.51
C TRP A 211 -2.10 13.35 -2.68
N ALA A 212 -2.50 13.05 -3.91
CA ALA A 212 -3.77 12.35 -4.14
C ALA A 212 -3.79 11.00 -3.41
N LEU A 213 -2.72 10.21 -3.47
CA LEU A 213 -2.76 8.84 -2.89
C LEU A 213 -2.89 8.94 -1.38
N THR A 214 -2.08 9.79 -0.74
CA THR A 214 -2.10 9.83 0.74
C THR A 214 -3.43 10.42 1.17
N ASP A 215 -3.98 11.36 0.42
CA ASP A 215 -5.30 11.94 0.76
C ASP A 215 -6.33 10.81 0.79
N ALA A 216 -6.34 9.93 -0.21
CA ALA A 216 -7.30 8.82 -0.27
C ALA A 216 -7.11 7.89 0.94
N LEU A 217 -5.87 7.55 1.28
CA LEU A 217 -5.61 6.66 2.45
C LEU A 217 -6.08 7.35 3.73
N HIS A 218 -5.73 8.62 3.93
CA HIS A 218 -6.02 9.32 5.19
C HIS A 218 -7.52 9.50 5.40
N ILE A 219 -8.26 9.90 4.37
CA ILE A 219 -9.70 10.17 4.56
C ILE A 219 -10.40 8.83 4.81
N LYS A 220 -9.92 7.74 4.21
CA LYS A 220 -10.45 6.38 4.53
C LYS A 220 -10.16 6.05 5.99
N ALA A 221 -8.93 6.26 6.44
CA ALA A 221 -8.54 5.97 7.83
C ALA A 221 -9.42 6.78 8.79
N ILE A 222 -9.63 8.06 8.53
CA ILE A 222 -10.47 8.90 9.43
C ILE A 222 -11.88 8.28 9.51
N GLU A 223 -12.45 7.91 8.38
CA GLU A 223 -13.81 7.30 8.34
C GLU A 223 -13.82 6.02 9.19
N ILE A 224 -12.83 5.14 9.00
CA ILE A 224 -12.81 3.84 9.72
C ILE A 224 -12.70 4.12 11.22
N ILE A 225 -11.75 4.96 11.61
CA ILE A 225 -11.42 5.19 13.05
C ILE A 225 -12.62 5.88 13.73
N ALA A 226 -13.13 6.95 13.15
CA ALA A 226 -14.28 7.69 13.72
C ALA A 226 -15.49 6.76 13.83
N GLY A 227 -15.63 5.81 12.92
CA GLY A 227 -16.76 4.86 12.93
C GLY A 227 -16.60 3.80 14.01
N ALA A 228 -15.37 3.39 14.34
CA ALA A 228 -15.11 2.18 15.16
C ALA A 228 -14.66 2.51 16.58
N LEU A 229 -14.12 3.68 16.84
CA LEU A 229 -13.35 3.83 18.11
C LEU A 229 -14.28 3.72 19.32
N ARG A 230 -15.45 4.33 19.30
CA ARG A 230 -16.35 4.25 20.49
C ARG A 230 -16.71 2.78 20.76
N GLY A 231 -17.08 2.04 19.72
CA GLY A 231 -17.41 0.61 19.86
C GLY A 231 -16.23 -0.19 20.38
N SER A 232 -15.02 0.08 19.90
CA SER A 232 -13.82 -0.66 20.34
C SER A 232 -13.53 -0.37 21.81
N VAL A 233 -13.60 0.89 22.22
CA VAL A 233 -13.39 1.27 23.65
C VAL A 233 -14.44 0.53 24.52
N ALA A 234 -15.65 0.36 23.99
CA ALA A 234 -16.76 -0.35 24.68
C ALA A 234 -16.56 -1.87 24.69
N GLY A 235 -15.60 -2.40 23.94
CA GLY A 235 -15.22 -3.82 23.95
C GLY A 235 -15.79 -4.60 22.78
N ASP A 236 -16.37 -3.95 21.78
CA ASP A 236 -16.94 -4.64 20.60
C ASP A 236 -15.81 -5.28 19.79
N LYS A 237 -15.95 -6.57 19.47
CA LYS A 237 -14.93 -7.39 18.76
C LYS A 237 -14.71 -6.84 17.34
N ASP A 238 -15.78 -6.64 16.55
CA ASP A 238 -15.64 -6.21 15.14
C ASP A 238 -15.05 -4.78 15.10
N ALA A 239 -15.46 -3.90 16.00
CA ALA A 239 -14.91 -2.53 16.09
C ALA A 239 -13.39 -2.60 16.32
N GLY A 240 -12.91 -3.56 17.12
CA GLY A 240 -11.47 -3.73 17.38
C GLY A 240 -10.73 -4.09 16.11
N GLU A 241 -11.35 -4.93 15.27
CA GLU A 241 -10.73 -5.36 14.00
C GLU A 241 -10.72 -4.18 13.03
N GLU A 242 -11.78 -3.37 13.02
CA GLU A 242 -11.86 -2.15 12.19
C GLU A 242 -10.75 -1.18 12.63
N MET A 243 -10.59 -0.98 13.92
CA MET A 243 -9.54 -0.06 14.43
C MET A 243 -8.17 -0.57 13.98
N ALA A 244 -7.92 -1.88 14.04
CA ALA A 244 -6.62 -2.47 13.66
C ALA A 244 -6.31 -2.10 12.20
N LEU A 245 -7.31 -2.14 11.33
CA LEU A 245 -7.10 -1.77 9.91
C LEU A 245 -6.96 -0.26 9.76
N GLY A 246 -7.82 0.52 10.39
CA GLY A 246 -7.81 1.99 10.19
C GLY A 246 -6.49 2.58 10.65
N GLN A 247 -5.95 2.13 11.77
CA GLN A 247 -4.69 2.70 12.28
C GLN A 247 -3.56 2.39 11.31
N TYR A 248 -3.60 1.24 10.64
CA TYR A 248 -2.56 0.84 9.67
C TYR A 248 -2.69 1.69 8.41
N VAL A 249 -3.93 1.84 7.92
CA VAL A 249 -4.17 2.66 6.70
C VAL A 249 -3.67 4.09 6.95
N ALA A 250 -3.90 4.64 8.14
CA ALA A 250 -3.35 5.98 8.46
C ALA A 250 -1.83 5.97 8.26
N GLY A 251 -1.14 4.93 8.72
CA GLY A 251 0.33 4.85 8.62
C GLY A 251 0.81 4.78 7.19
N MET A 252 0.08 4.09 6.32
CA MET A 252 0.46 4.00 4.89
C MET A 252 0.59 5.40 4.31
N GLY A 253 -0.25 6.33 4.78
CA GLY A 253 -0.20 7.73 4.32
C GLY A 253 0.87 8.53 5.04
N PHE A 254 0.77 8.67 6.36
CA PHE A 254 1.48 9.77 7.05
C PHE A 254 2.99 9.52 7.04
N SER A 255 3.39 8.25 7.05
CA SER A 255 4.81 7.86 6.98
C SER A 255 5.48 8.53 5.78
N ASN A 256 4.70 8.64 4.71
CA ASN A 256 5.21 9.01 3.38
C ASN A 256 5.07 10.50 3.10
N VAL A 257 4.27 11.24 3.89
CA VAL A 257 4.08 12.69 3.58
C VAL A 257 4.37 13.57 4.79
N GLY A 258 4.15 13.09 6.01
CA GLY A 258 4.33 13.89 7.23
C GLY A 258 3.05 14.09 8.01
N VAL A 259 3.22 14.74 9.15
CA VAL A 259 2.10 15.09 10.06
C VAL A 259 2.21 16.59 10.32
N GLY A 260 2.20 17.02 11.57
CA GLY A 260 2.21 18.47 11.82
C GLY A 260 2.50 18.80 13.26
N LEU A 261 1.95 19.91 13.68
CA LEU A 261 2.26 20.52 14.99
C LEU A 261 1.66 19.72 16.13
N VAL A 262 0.65 18.87 15.91
CA VAL A 262 0.13 18.08 17.06
C VAL A 262 1.28 17.17 17.50
N HIS A 263 1.87 16.42 16.59
CA HIS A 263 3.01 15.54 16.94
C HIS A 263 4.22 16.36 17.41
N GLY A 264 4.47 17.51 16.78
CA GLY A 264 5.58 18.38 17.19
C GLY A 264 5.42 18.83 18.65
N MET A 265 4.19 19.05 19.09
CA MET A 265 3.92 19.53 20.46
C MET A 265 3.78 18.36 21.43
N ALA A 266 3.41 17.17 20.95
CA ALA A 266 3.24 15.99 21.80
C ALA A 266 4.60 15.45 22.23
N HIS A 267 5.61 15.48 21.35
CA HIS A 267 6.93 14.86 21.62
C HIS A 267 7.56 15.48 22.87
N PRO A 268 7.62 16.82 23.01
CA PRO A 268 8.21 17.40 24.23
C PRO A 268 7.47 17.01 25.51
N LEU A 269 6.15 16.81 25.46
CA LEU A 269 5.42 16.33 26.65
C LEU A 269 5.90 14.93 27.06
N GLY A 270 6.11 14.05 26.07
CA GLY A 270 6.69 12.73 26.36
C GLY A 270 8.06 12.86 26.99
N ALA A 271 8.89 13.77 26.47
CA ALA A 271 10.28 13.97 26.96
C ALA A 271 10.26 14.50 28.39
N PHE A 272 9.45 15.53 28.65
CA PHE A 272 9.45 16.22 29.96
C PHE A 272 8.75 15.38 31.03
N TYR A 273 7.64 14.72 30.70
CA TYR A 273 6.72 14.17 31.73
C TYR A 273 6.43 12.67 31.54
N ASN A 274 6.91 12.06 30.47
CA ASN A 274 6.59 10.65 30.13
C ASN A 274 5.10 10.52 29.83
N THR A 275 4.45 11.61 29.41
CA THR A 275 3.03 11.60 29.02
C THR A 275 2.79 10.53 27.95
N PRO A 276 1.74 9.69 28.04
CA PRO A 276 1.42 8.81 26.93
C PRO A 276 1.17 9.65 25.67
N HIS A 277 1.81 9.22 24.60
CA HIS A 277 1.81 9.93 23.29
C HIS A 277 0.38 10.19 22.82
N GLY A 278 -0.49 9.20 22.88
CA GLY A 278 -1.86 9.32 22.38
C GLY A 278 -2.66 10.30 23.22
N VAL A 279 -2.43 10.34 24.54
CA VAL A 279 -3.17 11.29 25.42
C VAL A 279 -2.72 12.70 25.04
N ALA A 280 -1.42 12.92 24.89
CA ALA A 280 -0.87 14.24 24.48
C ALA A 280 -1.51 14.64 23.14
N ASN A 281 -1.50 13.76 22.16
CA ASN A 281 -2.07 14.04 20.83
C ASN A 281 -3.56 14.38 20.98
N ALA A 282 -4.30 13.58 21.72
CA ALA A 282 -5.75 13.74 21.84
C ALA A 282 -6.05 15.14 22.40
N ILE A 283 -5.33 15.57 23.44
CA ILE A 283 -5.63 16.87 24.10
C ILE A 283 -5.29 18.00 23.12
N LEU A 284 -4.18 17.87 22.42
CA LEU A 284 -3.69 18.97 21.54
C LEU A 284 -4.49 19.04 20.24
N LEU A 285 -4.93 17.91 19.70
CA LEU A 285 -5.46 17.81 18.32
C LEU A 285 -6.51 18.87 18.02
N PRO A 286 -7.63 18.98 18.77
CA PRO A 286 -8.65 19.94 18.37
C PRO A 286 -8.14 21.39 18.42
N HIS A 287 -7.26 21.72 19.36
CA HIS A 287 -6.71 23.10 19.47
C HIS A 287 -5.81 23.37 18.26
N VAL A 288 -4.97 22.42 17.86
CA VAL A 288 -4.10 22.62 16.68
C VAL A 288 -4.97 22.66 15.43
N MET A 289 -6.05 21.86 15.38
CA MET A 289 -6.96 21.91 14.21
C MET A 289 -7.54 23.33 14.08
N ARG A 290 -7.94 23.94 15.20
CA ARG A 290 -8.53 25.30 15.17
C ARG A 290 -7.47 26.26 14.63
N TYR A 291 -6.24 26.17 15.13
CA TYR A 291 -5.07 26.98 14.69
C TYR A 291 -4.83 26.84 13.18
N ASN A 292 -4.91 25.62 12.67
CA ASN A 292 -4.58 25.31 11.25
C ASN A 292 -5.74 25.64 10.31
N ALA A 293 -6.96 25.85 10.81
CA ALA A 293 -8.20 25.71 10.02
C ALA A 293 -8.14 26.50 8.70
N ASP A 294 -7.65 27.74 8.74
CA ASP A 294 -7.73 28.62 7.54
C ASP A 294 -6.81 28.10 6.43
N PHE A 295 -5.84 27.23 6.77
CA PHE A 295 -4.78 26.74 5.86
C PHE A 295 -5.11 25.35 5.31
N THR A 296 -6.36 24.90 5.36
CA THR A 296 -6.72 23.47 5.08
C THR A 296 -7.71 23.34 3.91
N GLY A 297 -7.96 24.42 3.15
CA GLY A 297 -8.87 24.35 2.00
C GLY A 297 -10.22 23.79 2.42
N GLU A 298 -10.73 22.81 1.68
CA GLU A 298 -12.07 22.20 1.93
C GLU A 298 -11.94 20.98 2.84
N LYS A 299 -10.74 20.68 3.32
CA LYS A 299 -10.45 19.35 3.91
C LYS A 299 -11.22 19.13 5.21
N TYR A 300 -11.50 20.16 6.01
CA TYR A 300 -12.25 19.92 7.27
C TYR A 300 -13.71 19.57 6.96
N ARG A 301 -14.25 19.97 5.81
CA ARG A 301 -15.60 19.53 5.38
C ARG A 301 -15.57 18.00 5.22
N ASP A 302 -14.53 17.47 4.59
CA ASP A 302 -14.32 16.01 4.37
C ASP A 302 -14.23 15.33 5.74
N ILE A 303 -13.43 15.90 6.66
CA ILE A 303 -13.21 15.27 7.99
C ILE A 303 -14.54 15.25 8.76
N ALA A 304 -15.22 16.38 8.86
CA ALA A 304 -16.51 16.50 9.58
C ALA A 304 -17.48 15.47 8.99
N ARG A 305 -17.57 15.40 7.66
CA ARG A 305 -18.49 14.49 6.95
C ARG A 305 -18.26 13.04 7.42
N VAL A 306 -17.02 12.55 7.35
CA VAL A 306 -16.75 11.10 7.64
C VAL A 306 -16.74 10.85 9.14
N MET A 307 -16.76 11.89 9.98
CA MET A 307 -16.89 11.74 11.46
C MET A 307 -18.37 11.82 11.85
N GLY A 308 -19.28 11.90 10.87
CA GLY A 308 -20.73 11.74 11.05
C GLY A 308 -21.46 13.07 11.21
N VAL A 309 -20.81 14.19 10.91
CA VAL A 309 -21.46 15.53 10.93
C VAL A 309 -22.19 15.73 9.59
N LYS A 310 -23.42 16.23 9.62
CA LYS A 310 -24.16 16.65 8.40
C LYS A 310 -23.65 18.04 8.01
N VAL A 311 -22.70 18.10 7.06
CA VAL A 311 -21.93 19.33 6.72
C VAL A 311 -22.58 20.06 5.54
N GLU A 312 -23.58 19.44 4.90
CA GLU A 312 -24.27 20.00 3.72
C GLU A 312 -25.02 21.25 4.15
N GLY A 313 -24.80 22.36 3.44
CA GLY A 313 -25.45 23.65 3.73
C GLY A 313 -24.71 24.45 4.79
N MET A 314 -23.64 23.91 5.37
CA MET A 314 -22.75 24.72 6.25
C MET A 314 -21.83 25.56 5.36
N GLY A 315 -21.57 26.80 5.79
CA GLY A 315 -20.45 27.60 5.26
C GLY A 315 -19.14 26.95 5.66
N LEU A 316 -18.03 27.34 5.02
CA LEU A 316 -16.72 26.70 5.22
C LEU A 316 -16.28 26.89 6.69
N GLU A 317 -16.41 28.11 7.23
CA GLU A 317 -16.00 28.44 8.61
C GLU A 317 -16.79 27.54 9.58
N GLU A 318 -18.09 27.35 9.32
CA GLU A 318 -18.97 26.52 10.15
C GLU A 318 -18.54 25.04 10.04
N ALA A 319 -18.26 24.55 8.84
CA ALA A 319 -17.83 23.14 8.62
C ALA A 319 -16.48 22.91 9.31
N ARG A 320 -15.58 23.90 9.27
CA ARG A 320 -14.28 23.82 9.98
C ARG A 320 -14.54 23.71 11.48
N ASN A 321 -15.42 24.55 12.03
CA ASN A 321 -15.80 24.50 13.47
CA ASN A 321 -15.76 24.48 13.47
C ASN A 321 -16.36 23.11 13.79
N ALA A 322 -17.20 22.57 12.90
CA ALA A 322 -17.86 21.27 13.09
C ALA A 322 -16.80 20.15 13.19
N ALA A 323 -15.74 20.19 12.38
CA ALA A 323 -14.67 19.16 12.39
C ALA A 323 -13.95 19.22 13.75
N VAL A 324 -13.64 20.43 14.22
CA VAL A 324 -12.99 20.65 15.54
C VAL A 324 -13.94 20.11 16.63
N GLU A 325 -15.23 20.44 16.58
CA GLU A 325 -16.21 20.01 17.62
CA GLU A 325 -16.18 20.01 17.64
C GLU A 325 -16.33 18.50 17.61
N ALA A 326 -16.29 17.85 16.44
CA ALA A 326 -16.41 16.38 16.33
C ALA A 326 -15.25 15.72 17.08
N VAL A 327 -14.06 16.30 17.00
CA VAL A 327 -12.88 15.76 17.71
C VAL A 327 -13.04 15.99 19.22
N PHE A 328 -13.43 17.18 19.67
CA PHE A 328 -13.70 17.41 21.12
C PHE A 328 -14.69 16.36 21.63
N ALA A 329 -15.77 16.12 20.87
CA ALA A 329 -16.86 15.19 21.24
C ALA A 329 -16.32 13.78 21.38
N LEU A 330 -15.53 13.33 20.41
CA LEU A 330 -14.96 11.96 20.44
C LEU A 330 -14.09 11.83 21.68
N ASN A 331 -13.23 12.81 21.94
CA ASN A 331 -12.34 12.78 23.12
C ASN A 331 -13.18 12.63 24.39
N ARG A 332 -14.26 13.39 24.52
CA ARG A 332 -15.14 13.30 25.72
C ARG A 332 -15.73 11.89 25.79
N ASP A 333 -16.23 11.40 24.65
CA ASP A 333 -16.96 10.11 24.58
C ASP A 333 -16.04 8.96 25.00
N VAL A 334 -14.74 9.02 24.71
CA VAL A 334 -13.82 7.89 25.02
C VAL A 334 -12.97 8.19 26.26
N GLY A 335 -13.26 9.28 26.97
CA GLY A 335 -12.79 9.50 28.35
C GLY A 335 -11.38 10.04 28.43
N ILE A 336 -10.91 10.74 27.41
CA ILE A 336 -9.56 11.36 27.50
C ILE A 336 -9.71 12.71 28.19
N PRO A 337 -8.86 13.04 29.17
CA PRO A 337 -8.97 14.30 29.89
C PRO A 337 -8.82 15.45 28.89
N PRO A 338 -9.57 16.56 29.05
CA PRO A 338 -9.56 17.63 28.06
C PRO A 338 -8.42 18.64 28.19
N HIS A 339 -7.70 18.66 29.32
CA HIS A 339 -6.70 19.73 29.62
C HIS A 339 -5.33 19.16 29.94
N LEU A 340 -4.28 19.82 29.49
CA LEU A 340 -2.90 19.37 29.77
C LEU A 340 -2.63 19.43 31.28
N ARG A 341 -3.22 20.36 32.02
CA ARG A 341 -2.93 20.41 33.47
C ARG A 341 -3.37 19.08 34.11
N ASP A 342 -4.42 18.46 33.58
CA ASP A 342 -4.98 17.21 34.15
C ASP A 342 -3.94 16.09 34.07
N VAL A 343 -2.99 16.15 33.13
CA VAL A 343 -2.07 15.02 32.87
C VAL A 343 -0.63 15.41 33.22
N GLY A 344 -0.43 16.40 34.08
CA GLY A 344 0.87 16.60 34.74
C GLY A 344 1.78 17.58 34.04
N VAL A 345 1.24 18.43 33.15
CA VAL A 345 2.04 19.49 32.49
C VAL A 345 2.15 20.67 33.48
N ARG A 346 3.28 21.37 33.46
CA ARG A 346 3.49 22.61 34.27
CA ARG A 346 3.51 22.60 34.28
C ARG A 346 3.48 23.83 33.36
N LYS A 347 2.73 24.86 33.72
CA LYS A 347 2.65 26.13 32.96
C LYS A 347 4.07 26.69 32.78
N GLU A 348 4.90 26.58 33.81
CA GLU A 348 6.28 27.13 33.86
C GLU A 348 7.13 26.55 32.72
N ASP A 349 6.85 25.31 32.30
CA ASP A 349 7.66 24.58 31.29
C ASP A 349 7.23 24.93 29.85
N ILE A 350 6.11 25.62 29.66
CA ILE A 350 5.56 25.83 28.30
C ILE A 350 6.58 26.53 27.40
N PRO A 351 7.29 27.61 27.80
CA PRO A 351 8.30 28.17 26.89
C PRO A 351 9.37 27.17 26.38
N ALA A 352 9.90 26.32 27.25
CA ALA A 352 10.87 25.25 26.92
C ALA A 352 10.19 24.21 26.01
N LEU A 353 8.97 23.80 26.33
CA LEU A 353 8.23 22.80 25.52
C LEU A 353 8.02 23.38 24.11
N ALA A 354 7.65 24.66 24.04
CA ALA A 354 7.37 25.32 22.75
C ALA A 354 8.64 25.38 21.91
N GLN A 355 9.79 25.66 22.51
CA GLN A 355 11.06 25.72 21.73
C GLN A 355 11.36 24.32 21.18
N ALA A 356 11.16 23.29 21.99
CA ALA A 356 11.38 21.88 21.58
C ALA A 356 10.39 21.56 20.45
N ALA A 357 9.15 21.99 20.55
CA ALA A 357 8.12 21.72 19.51
C ALA A 357 8.53 22.42 18.20
N LEU A 358 9.05 23.64 18.29
CA LEU A 358 9.40 24.45 17.10
C LEU A 358 10.50 23.71 16.33
N ASP A 359 11.37 23.00 17.05
CA ASP A 359 12.58 22.33 16.50
C ASP A 359 12.28 20.86 16.16
N ASP A 360 11.08 20.36 16.45
CA ASP A 360 10.74 18.93 16.19
C ASP A 360 10.60 18.75 14.68
N VAL A 361 11.16 17.65 14.16
CA VAL A 361 11.03 17.15 12.76
C VAL A 361 9.59 17.37 12.26
N CYS A 362 8.59 17.00 13.05
CA CYS A 362 7.18 16.88 12.60
C CYS A 362 6.57 18.25 12.31
N THR A 363 7.01 19.27 13.02
CA THR A 363 6.37 20.60 13.00
C THR A 363 6.44 21.19 11.58
N GLY A 364 7.52 20.93 10.86
CA GLY A 364 7.72 21.47 9.49
C GLY A 364 6.63 21.05 8.52
N GLY A 365 5.93 19.94 8.76
CA GLY A 365 4.81 19.51 7.89
C GLY A 365 3.53 20.31 8.12
N ASN A 366 3.45 21.05 9.22
CA ASN A 366 2.20 21.74 9.61
C ASN A 366 1.80 22.71 8.49
N PRO A 367 0.52 22.76 8.09
CA PRO A 367 0.12 23.61 6.95
C PRO A 367 0.18 25.12 7.25
N ARG A 368 0.11 25.48 8.52
CA ARG A 368 0.34 26.87 9.00
C ARG A 368 1.74 26.93 9.61
N GLU A 369 2.56 27.89 9.19
CA GLU A 369 3.96 27.95 9.65
C GLU A 369 3.96 28.48 11.09
N ALA A 370 4.28 27.63 12.06
CA ALA A 370 4.20 28.00 13.49
C ALA A 370 5.41 28.83 13.90
N THR A 371 5.13 29.89 14.67
CA THR A 371 6.16 30.69 15.39
C THR A 371 6.27 30.15 16.82
N LEU A 372 7.36 30.48 17.50
CA LEU A 372 7.54 30.13 18.92
C LEU A 372 6.31 30.61 19.72
N GLU A 373 5.90 31.87 19.60
CA GLU A 373 4.80 32.39 20.43
C GLU A 373 3.48 31.71 20.05
N ASP A 374 3.29 31.33 18.79
CA ASP A 374 2.07 30.58 18.39
C ASP A 374 2.00 29.28 19.20
N ILE A 375 3.13 28.59 19.32
CA ILE A 375 3.18 27.25 19.99
C ILE A 375 2.98 27.44 21.50
N VAL A 376 3.62 28.44 22.08
CA VAL A 376 3.40 28.81 23.51
C VAL A 376 1.90 29.02 23.73
N GLU A 377 1.26 29.81 22.88
CA GLU A 377 -0.18 30.13 23.02
C GLU A 377 -1.01 28.85 22.89
N LEU A 378 -0.68 27.97 21.94
CA LEU A 378 -1.44 26.70 21.79
C LEU A 378 -1.32 25.84 23.05
N TYR A 379 -0.14 25.74 23.65
CA TYR A 379 0.03 24.96 24.89
C TYR A 379 -0.88 25.56 25.96
N HIS A 380 -0.92 26.89 26.07
CA HIS A 380 -1.73 27.57 27.11
C HIS A 380 -3.21 27.32 26.86
N THR A 381 -3.66 27.35 25.60
CA THR A 381 -5.07 27.10 25.23
C THR A 381 -5.50 25.70 25.66
N ALA A 382 -4.59 24.73 25.56
CA ALA A 382 -4.84 23.30 25.89
C ALA A 382 -4.63 23.05 27.39
N TRP A 383 -4.06 24.01 28.11
CA TRP A 383 -3.63 23.90 29.54
C TRP A 383 -4.83 23.71 30.47
N THR A 384 -5.85 24.54 30.28
CA THR A 384 -7.02 24.71 31.19
C THR A 384 -8.17 25.31 30.40
N SER A 385 -9.38 25.28 30.97
CA SER A 385 -10.60 25.91 30.38
C SER A 385 -10.51 27.43 30.52
N MET B 1 -6.18 -19.34 5.78
CA MET B 1 -6.32 -18.47 7.00
C MET B 1 -7.51 -17.52 6.84
N MET B 2 -8.21 -17.21 7.94
CA MET B 2 -9.15 -16.07 8.02
C MET B 2 -8.41 -14.81 7.57
N ALA B 3 -7.15 -14.68 8.00
CA ALA B 3 -6.29 -13.50 7.71
C ALA B 3 -6.04 -13.36 6.21
N ASN B 4 -5.87 -12.11 5.78
CA ASN B 4 -5.67 -11.72 4.37
C ASN B 4 -4.25 -11.20 4.22
N ARG B 5 -3.55 -11.65 3.19
CA ARG B 5 -2.18 -11.19 2.88
C ARG B 5 -2.24 -10.05 1.87
N MET B 6 -1.35 -9.07 2.04
CA MET B 6 -1.08 -8.04 1.03
C MET B 6 0.41 -8.05 0.68
N ILE B 7 0.73 -8.24 -0.59
CA ILE B 7 2.09 -8.01 -1.16
CA ILE B 7 2.11 -7.97 -1.09
C ILE B 7 2.06 -6.67 -1.89
N LEU B 8 3.03 -5.79 -1.63
CA LEU B 8 3.09 -4.47 -2.30
C LEU B 8 4.55 -4.18 -2.63
N ASN B 9 4.78 -3.16 -3.43
CA ASN B 9 6.18 -2.70 -3.63
C ASN B 9 6.67 -2.10 -2.32
N GLU B 10 7.87 -2.43 -1.91
CA GLU B 10 8.43 -1.79 -0.70
C GLU B 10 8.65 -0.32 -1.02
N THR B 11 9.08 0.01 -2.24
CA THR B 11 9.38 1.39 -2.66
C THR B 11 8.67 1.68 -3.98
N ALA B 12 8.05 2.85 -4.11
CA ALA B 12 7.47 3.27 -5.39
C ALA B 12 7.59 4.78 -5.49
N TRP B 13 7.83 5.27 -6.69
CA TRP B 13 7.87 6.72 -7.01
C TRP B 13 6.74 7.04 -7.97
N PHE B 14 6.01 8.10 -7.72
CA PHE B 14 4.82 8.49 -8.50
C PHE B 14 4.92 9.92 -9.00
N GLY B 15 4.46 10.09 -10.23
CA GLY B 15 4.29 11.43 -10.83
C GLY B 15 5.17 11.59 -12.06
N ARG B 16 4.86 12.61 -12.84
CA ARG B 16 5.69 12.99 -14.01
C ARG B 16 7.10 13.29 -13.51
N GLY B 17 8.09 12.66 -14.14
CA GLY B 17 9.51 12.76 -13.77
C GLY B 17 9.92 11.75 -12.70
N ALA B 18 9.05 10.83 -12.28
CA ALA B 18 9.41 9.75 -11.31
C ALA B 18 10.64 8.97 -11.76
N VAL B 19 10.86 8.76 -13.07
CA VAL B 19 12.06 7.97 -13.51
C VAL B 19 13.34 8.72 -13.15
N GLY B 20 13.26 10.02 -12.88
CA GLY B 20 14.38 10.84 -12.36
C GLY B 20 14.94 10.30 -11.05
N ALA B 21 14.17 9.48 -10.32
CA ALA B 21 14.59 8.90 -9.03
C ALA B 21 15.39 7.61 -9.23
N LEU B 22 15.43 7.06 -10.44
CA LEU B 22 16.03 5.72 -10.67
C LEU B 22 17.54 5.73 -10.36
N THR B 23 18.32 6.69 -10.85
CA THR B 23 19.79 6.59 -10.71
C THR B 23 20.18 6.62 -9.24
N ASP B 24 19.54 7.46 -8.43
CA ASP B 24 19.83 7.50 -6.97
C ASP B 24 19.39 6.20 -6.31
N GLU B 25 18.27 5.59 -6.71
CA GLU B 25 17.83 4.28 -6.15
C GLU B 25 18.89 3.23 -6.44
N VAL B 26 19.42 3.21 -7.66
CA VAL B 26 20.45 2.21 -8.05
C VAL B 26 21.71 2.42 -7.20
N LYS B 27 22.17 3.67 -7.08
CA LYS B 27 23.40 4.00 -6.31
C LYS B 27 23.22 3.56 -4.85
N ARG B 28 22.07 3.86 -4.24
CA ARG B 28 21.78 3.50 -2.82
C ARG B 28 21.77 1.97 -2.64
N ARG B 29 21.41 1.20 -3.68
CA ARG B 29 21.28 -0.27 -3.58
C ARG B 29 22.61 -0.96 -3.94
N GLY B 30 23.54 -0.22 -4.52
CA GLY B 30 24.91 -0.71 -4.82
C GLY B 30 24.98 -1.61 -6.04
N TYR B 31 23.95 -1.62 -6.89
CA TYR B 31 23.94 -2.47 -8.10
C TYR B 31 25.00 -2.01 -9.10
N GLN B 32 25.55 -2.94 -9.87
CA GLN B 32 26.70 -2.68 -10.78
C GLN B 32 26.24 -2.57 -12.24
N LYS B 33 25.19 -3.28 -12.67
CA LYS B 33 24.83 -3.28 -14.11
C LYS B 33 23.41 -3.81 -14.31
N ALA B 34 22.60 -3.05 -15.04
CA ALA B 34 21.21 -3.39 -15.36
C ALA B 34 21.15 -4.24 -16.63
N LEU B 35 20.19 -5.15 -16.69
CA LEU B 35 19.61 -5.54 -18.00
C LEU B 35 18.25 -4.86 -18.11
N ILE B 36 18.08 -4.06 -19.13
CA ILE B 36 16.77 -3.44 -19.48
C ILE B 36 15.99 -4.44 -20.32
N VAL B 37 14.80 -4.81 -19.85
CA VAL B 37 13.89 -5.74 -20.58
C VAL B 37 12.75 -4.90 -21.16
N THR B 38 12.62 -4.89 -22.47
CA THR B 38 11.74 -3.96 -23.19
C THR B 38 11.43 -4.55 -24.57
N ASP B 39 10.83 -3.76 -25.43
CA ASP B 39 10.50 -4.21 -26.81
C ASP B 39 11.01 -3.17 -27.80
N LYS B 40 11.04 -3.54 -29.08
CA LYS B 40 11.67 -2.72 -30.13
C LYS B 40 10.86 -1.43 -30.33
N THR B 41 9.55 -1.46 -30.13
CA THR B 41 8.70 -0.25 -30.30
C THR B 41 9.17 0.81 -29.32
N LEU B 42 9.40 0.43 -28.06
CA LEU B 42 9.76 1.39 -26.99
C LEU B 42 11.18 1.92 -27.20
N VAL B 43 12.07 1.12 -27.79
CA VAL B 43 13.43 1.61 -28.18
C VAL B 43 13.26 2.64 -29.31
N GLN B 44 12.50 2.31 -30.35
CA GLN B 44 12.35 3.14 -31.58
C GLN B 44 11.62 4.46 -31.27
N CYS B 45 10.64 4.44 -30.36
CA CYS B 45 9.83 5.63 -29.99
C CYS B 45 10.59 6.54 -29.01
N GLY B 46 11.79 6.14 -28.56
CA GLY B 46 12.64 6.94 -27.67
C GLY B 46 12.32 6.78 -26.19
N VAL B 47 11.38 5.90 -25.84
CA VAL B 47 10.94 5.72 -24.43
C VAL B 47 12.10 5.16 -23.59
N VAL B 48 12.82 4.16 -24.09
CA VAL B 48 13.93 3.53 -23.33
C VAL B 48 15.04 4.56 -23.11
N ALA B 49 15.32 5.42 -24.09
CA ALA B 49 16.31 6.51 -24.01
C ALA B 49 15.98 7.49 -22.88
N LYS B 50 14.70 7.70 -22.53
CA LYS B 50 14.31 8.56 -21.38
C LYS B 50 14.99 8.03 -20.09
N VAL B 51 15.25 6.72 -20.03
CA VAL B 51 15.92 6.06 -18.87
C VAL B 51 17.43 5.95 -19.13
N THR B 52 17.87 5.40 -20.28
CA THR B 52 19.32 5.15 -20.52
C THR B 52 20.10 6.47 -20.56
N ASP B 53 19.50 7.56 -21.05
CA ASP B 53 20.20 8.88 -21.05
C ASP B 53 20.52 9.29 -19.61
N LYS B 54 19.60 9.10 -18.66
CA LYS B 54 19.84 9.43 -17.24
C LYS B 54 20.89 8.49 -16.65
N MET B 55 20.84 7.20 -17.01
CA MET B 55 21.82 6.22 -16.51
C MET B 55 23.22 6.57 -17.03
N ASP B 56 23.33 6.96 -18.30
CA ASP B 56 24.61 7.36 -18.93
C ASP B 56 25.16 8.56 -18.17
N ALA B 57 24.33 9.56 -17.89
CA ALA B 57 24.72 10.81 -17.20
C ALA B 57 25.24 10.49 -15.79
N ALA B 58 24.67 9.48 -15.12
CA ALA B 58 25.04 9.07 -13.74
C ALA B 58 26.18 8.03 -13.76
N GLY B 59 26.62 7.61 -14.95
CA GLY B 59 27.72 6.64 -15.13
C GLY B 59 27.32 5.23 -14.71
N LEU B 60 26.04 4.86 -14.90
CA LEU B 60 25.51 3.52 -14.52
C LEU B 60 25.44 2.62 -15.74
N ALA B 61 26.01 1.43 -15.63
CA ALA B 61 26.15 0.45 -16.72
C ALA B 61 24.80 -0.20 -17.01
N TRP B 62 24.54 -0.50 -18.27
CA TRP B 62 23.32 -1.24 -18.66
C TRP B 62 23.57 -1.99 -19.97
N ALA B 63 22.78 -3.05 -20.14
CA ALA B 63 22.61 -3.77 -21.41
C ALA B 63 21.11 -3.84 -21.67
N ILE B 64 20.71 -4.20 -22.89
CA ILE B 64 19.27 -4.20 -23.28
C ILE B 64 18.92 -5.54 -23.94
N TYR B 65 17.81 -6.10 -23.51
CA TYR B 65 17.07 -7.16 -24.24
C TYR B 65 15.78 -6.55 -24.77
N ASP B 66 15.60 -6.47 -26.08
CA ASP B 66 14.43 -5.79 -26.70
C ASP B 66 13.58 -6.81 -27.49
N GLY B 67 13.67 -8.09 -27.14
CA GLY B 67 13.03 -9.19 -27.90
C GLY B 67 11.59 -9.45 -27.45
N VAL B 68 11.05 -8.68 -26.53
CA VAL B 68 9.70 -9.01 -25.99
C VAL B 68 8.66 -8.75 -27.08
N VAL B 69 7.71 -9.66 -27.20
CA VAL B 69 6.53 -9.54 -28.10
C VAL B 69 5.29 -9.47 -27.23
N PRO B 70 4.19 -8.82 -27.68
CA PRO B 70 2.93 -8.84 -26.93
C PRO B 70 2.48 -10.27 -26.67
N ASN B 71 1.95 -10.53 -25.48
CA ASN B 71 1.57 -11.89 -25.01
C ASN B 71 2.83 -12.74 -25.03
N PRO B 72 3.81 -12.42 -24.15
CA PRO B 72 5.16 -12.97 -24.28
C PRO B 72 5.16 -14.49 -24.10
N THR B 73 5.98 -15.15 -24.91
CA THR B 73 6.02 -16.62 -25.04
C THR B 73 7.15 -17.22 -24.21
N ILE B 74 7.14 -18.54 -24.06
CA ILE B 74 8.21 -19.32 -23.39
C ILE B 74 9.54 -19.02 -24.12
N THR B 75 9.50 -18.93 -25.46
CA THR B 75 10.68 -18.62 -26.32
C THR B 75 11.32 -17.28 -25.89
N VAL B 76 10.52 -16.23 -25.72
CA VAL B 76 10.99 -14.87 -25.39
C VAL B 76 11.59 -14.89 -23.98
N VAL B 77 10.96 -15.58 -23.06
CA VAL B 77 11.50 -15.73 -21.67
C VAL B 77 12.87 -16.40 -21.74
N LYS B 78 12.97 -17.54 -22.42
CA LYS B 78 14.23 -18.31 -22.48
C LYS B 78 15.32 -17.45 -23.13
N GLU B 79 15.02 -16.75 -24.21
CA GLU B 79 16.00 -15.88 -24.92
C GLU B 79 16.45 -14.77 -23.97
N GLY B 80 15.50 -14.08 -23.33
CA GLY B 80 15.82 -12.97 -22.42
C GLY B 80 16.65 -13.45 -21.24
N LEU B 81 16.37 -14.65 -20.74
CA LEU B 81 17.15 -15.21 -19.62
C LEU B 81 18.61 -15.40 -20.07
N GLY B 82 18.82 -15.90 -21.28
CA GLY B 82 20.17 -16.11 -21.80
C GLY B 82 20.91 -14.79 -21.88
N VAL B 83 20.25 -13.76 -22.38
CA VAL B 83 20.86 -12.41 -22.51
C VAL B 83 21.19 -11.89 -21.10
N PHE B 84 20.28 -12.06 -20.14
CA PHE B 84 20.54 -11.68 -18.73
C PHE B 84 21.80 -12.38 -18.20
N GLN B 85 21.87 -13.71 -18.32
CA GLN B 85 23.01 -14.51 -17.80
C GLN B 85 24.30 -14.06 -18.48
N ASN B 86 24.27 -13.74 -19.77
CA ASN B 86 25.48 -13.47 -20.57
C ASN B 86 25.93 -12.01 -20.39
N SER B 87 25.09 -11.16 -19.80
CA SER B 87 25.31 -9.69 -19.76
C SER B 87 26.19 -9.30 -18.55
N GLY B 88 26.26 -10.16 -17.54
CA GLY B 88 26.89 -9.85 -16.24
C GLY B 88 26.08 -8.82 -15.44
N ALA B 89 24.83 -8.57 -15.82
CA ALA B 89 23.93 -7.68 -15.06
C ALA B 89 23.65 -8.30 -13.69
N ASP B 90 23.41 -7.47 -12.66
CA ASP B 90 23.04 -7.95 -11.30
C ASP B 90 21.63 -7.48 -10.93
N TYR B 91 20.97 -6.74 -11.80
CA TYR B 91 19.54 -6.40 -11.59
C TYR B 91 18.86 -6.18 -12.93
N LEU B 92 17.54 -6.11 -12.86
CA LEU B 92 16.68 -5.94 -14.05
C LEU B 92 15.96 -4.60 -13.98
N ILE B 93 15.81 -3.96 -15.13
CA ILE B 93 14.91 -2.78 -15.28
C ILE B 93 13.90 -3.16 -16.33
N ALA B 94 12.64 -3.28 -15.94
CA ALA B 94 11.55 -3.61 -16.88
C ALA B 94 10.98 -2.29 -17.40
N ILE B 95 11.13 -1.98 -18.68
CA ILE B 95 10.55 -0.77 -19.30
C ILE B 95 9.48 -1.24 -20.28
N GLY B 96 8.22 -0.99 -19.97
CA GLY B 96 7.15 -1.27 -20.93
C GLY B 96 5.85 -1.60 -20.25
N GLY B 97 4.94 -2.16 -21.04
CA GLY B 97 3.65 -2.62 -20.51
C GLY B 97 3.76 -3.99 -19.88
N GLY B 98 2.65 -4.70 -19.76
CA GLY B 98 2.62 -6.00 -19.13
C GLY B 98 3.53 -7.01 -19.80
N SER B 99 3.71 -6.90 -21.12
CA SER B 99 4.48 -7.95 -21.85
C SER B 99 5.94 -7.91 -21.39
N PRO B 100 6.67 -6.78 -21.46
CA PRO B 100 8.01 -6.73 -20.93
C PRO B 100 8.10 -6.97 -19.42
N GLN B 101 7.15 -6.42 -18.65
CA GLN B 101 7.20 -6.56 -17.17
CA GLN B 101 7.14 -6.55 -17.17
C GLN B 101 7.02 -8.03 -16.79
N ASP B 102 6.09 -8.74 -17.44
CA ASP B 102 5.86 -10.17 -17.13
C ASP B 102 7.09 -10.99 -17.57
N THR B 103 7.66 -10.67 -18.73
CA THR B 103 8.88 -11.37 -19.22
C THR B 103 10.00 -11.18 -18.19
N CYS B 104 10.14 -9.97 -17.68
CA CYS B 104 11.20 -9.61 -16.73
C CYS B 104 11.02 -10.40 -15.43
N LYS B 105 9.79 -10.54 -14.94
CA LYS B 105 9.53 -11.33 -13.72
C LYS B 105 9.95 -12.78 -13.94
N ALA B 106 9.60 -13.37 -15.10
CA ALA B 106 9.95 -14.77 -15.43
C ALA B 106 11.48 -14.93 -15.45
N ILE B 107 12.18 -13.98 -16.07
CA ILE B 107 13.66 -13.98 -16.17
C ILE B 107 14.25 -13.90 -14.76
N GLY B 108 13.78 -12.95 -13.95
CA GLY B 108 14.32 -12.74 -12.60
C GLY B 108 14.12 -13.96 -11.72
N ILE B 109 12.95 -14.58 -11.80
CA ILE B 109 12.62 -15.78 -10.99
C ILE B 109 13.51 -16.95 -11.42
N ILE B 110 13.58 -17.23 -12.72
CA ILE B 110 14.34 -18.42 -13.22
C ILE B 110 15.83 -18.24 -12.94
N SER B 111 16.37 -17.02 -13.11
CA SER B 111 17.81 -16.75 -12.86
C SER B 111 18.20 -17.23 -11.46
N ASN B 112 17.34 -17.04 -10.45
CA ASN B 112 17.67 -17.40 -9.04
C ASN B 112 17.04 -18.73 -8.64
N ASN B 113 16.25 -19.34 -9.52
CA ASN B 113 15.57 -20.64 -9.30
C ASN B 113 15.73 -21.49 -10.57
N PRO B 114 16.97 -21.90 -10.91
CA PRO B 114 17.27 -22.48 -12.22
C PRO B 114 16.49 -23.75 -12.56
N GLU B 115 15.95 -24.46 -11.55
CA GLU B 115 15.13 -25.69 -11.73
C GLU B 115 13.87 -25.38 -12.56
N PHE B 116 13.50 -24.11 -12.73
CA PHE B 116 12.29 -23.70 -13.49
C PHE B 116 12.64 -23.26 -14.92
N ALA B 117 13.79 -23.72 -15.45
CA ALA B 117 14.35 -23.34 -16.77
C ALA B 117 13.38 -23.61 -17.93
N ASP B 118 12.45 -24.57 -17.80
CA ASP B 118 11.48 -24.92 -18.88
C ASP B 118 10.33 -23.90 -18.92
N VAL B 119 10.22 -23.03 -17.90
CA VAL B 119 9.24 -21.91 -17.81
C VAL B 119 7.85 -22.44 -17.47
N ARG B 120 7.33 -23.46 -18.17
CA ARG B 120 5.94 -23.92 -17.91
C ARG B 120 5.83 -24.50 -16.49
N SER B 121 6.94 -24.91 -15.84
CA SER B 121 6.95 -25.45 -14.45
C SER B 121 6.69 -24.33 -13.41
N LEU B 122 6.69 -23.06 -13.82
CA LEU B 122 6.37 -21.91 -12.93
C LEU B 122 4.86 -21.75 -12.76
N GLU B 123 4.05 -22.40 -13.59
CA GLU B 123 2.58 -22.21 -13.57
C GLU B 123 2.03 -22.50 -12.16
N GLY B 124 1.09 -21.67 -11.71
CA GLY B 124 0.43 -21.81 -10.40
C GLY B 124 1.18 -21.06 -9.32
N LEU B 125 1.10 -21.55 -8.09
CA LEU B 125 1.82 -20.97 -6.93
C LEU B 125 3.25 -21.54 -6.99
N SER B 126 4.09 -20.91 -7.81
CA SER B 126 5.49 -21.33 -8.10
C SER B 126 6.20 -21.65 -6.79
N PRO B 127 6.63 -22.92 -6.55
CA PRO B 127 7.36 -23.26 -5.34
C PRO B 127 8.83 -22.87 -5.44
N THR B 128 9.11 -21.57 -5.64
CA THR B 128 10.47 -21.01 -5.72
C THR B 128 11.00 -20.83 -4.29
N ASN B 129 12.30 -21.06 -4.09
CA ASN B 129 12.97 -20.95 -2.77
C ASN B 129 13.61 -19.57 -2.63
N LYS B 130 13.91 -18.90 -3.74
CA LYS B 130 14.75 -17.68 -3.78
C LYS B 130 13.94 -16.54 -4.37
N PRO B 131 14.03 -15.31 -3.80
CA PRO B 131 13.47 -14.13 -4.47
C PRO B 131 14.04 -13.98 -5.88
N SER B 132 13.28 -13.35 -6.77
CA SER B 132 13.73 -12.87 -8.09
C SER B 132 15.02 -12.04 -7.95
N VAL B 133 15.82 -12.05 -9.00
CA VAL B 133 16.80 -10.97 -9.27
C VAL B 133 16.05 -9.66 -9.02
N PRO B 134 16.65 -8.65 -8.37
CA PRO B 134 15.93 -7.42 -8.09
C PRO B 134 15.43 -6.76 -9.39
N ILE B 135 14.15 -6.37 -9.39
CA ILE B 135 13.52 -5.72 -10.55
C ILE B 135 13.15 -4.30 -10.17
N LEU B 136 13.53 -3.36 -11.01
CA LEU B 136 13.05 -1.96 -10.98
C LEU B 136 12.06 -1.82 -12.14
N ALA B 137 10.78 -1.57 -11.86
CA ALA B 137 9.70 -1.65 -12.86
C ALA B 137 9.29 -0.26 -13.30
N ILE B 138 9.17 -0.03 -14.61
CA ILE B 138 8.82 1.29 -15.21
C ILE B 138 7.73 1.09 -16.24
N PRO B 139 6.46 1.12 -15.82
CA PRO B 139 5.37 0.92 -16.77
C PRO B 139 5.31 2.02 -17.83
N THR B 140 4.94 1.62 -19.05
CA THR B 140 4.72 2.57 -20.18
C THR B 140 3.28 2.46 -20.69
N THR B 141 2.44 1.60 -20.09
CA THR B 141 0.99 1.59 -20.37
C THR B 141 0.23 1.85 -19.07
N ALA B 142 -1.06 2.16 -19.19
CA ALA B 142 -1.86 2.56 -18.00
C ALA B 142 -3.22 1.86 -18.03
N GLY B 143 -3.24 0.55 -17.82
CA GLY B 143 -2.07 -0.27 -17.62
C GLY B 143 -2.41 -1.55 -16.88
N THR B 144 -1.46 -2.47 -16.84
CA THR B 144 -1.61 -3.83 -16.31
C THR B 144 -1.31 -3.88 -14.82
N ALA B 145 -0.67 -2.83 -14.29
CA ALA B 145 -0.17 -2.77 -12.91
C ALA B 145 0.84 -3.90 -12.65
N ALA B 146 1.52 -4.41 -13.68
CA ALA B 146 2.52 -5.49 -13.53
C ALA B 146 3.62 -5.07 -12.56
N GLU B 147 3.84 -3.76 -12.37
CA GLU B 147 4.91 -3.26 -11.47
C GLU B 147 4.60 -3.60 -10.01
N VAL B 148 3.34 -3.88 -9.66
CA VAL B 148 2.96 -4.08 -8.23
C VAL B 148 2.28 -5.44 -8.04
N THR B 149 2.03 -6.22 -9.08
CA THR B 149 1.31 -7.51 -8.93
C THR B 149 2.33 -8.63 -8.72
N ILE B 150 1.86 -9.76 -8.17
CA ILE B 150 2.70 -10.96 -7.98
C ILE B 150 2.40 -11.98 -9.08
N GLY B 151 1.50 -11.66 -10.00
CA GLY B 151 1.16 -12.51 -11.16
C GLY B 151 2.00 -12.15 -12.37
N TYR B 152 2.26 -13.13 -13.22
CA TYR B 152 2.71 -12.87 -14.61
C TYR B 152 2.13 -13.95 -15.50
N VAL B 153 1.94 -13.59 -16.75
CA VAL B 153 1.19 -14.44 -17.72
C VAL B 153 2.06 -14.66 -18.94
N ILE B 154 2.36 -15.93 -19.19
CA ILE B 154 3.24 -16.37 -20.30
C ILE B 154 2.41 -17.23 -21.25
N THR B 155 2.68 -17.11 -22.54
CA THR B 155 2.03 -17.91 -23.61
C THR B 155 2.87 -19.16 -23.86
N ASP B 156 2.23 -20.31 -23.70
CA ASP B 156 2.75 -21.62 -24.15
C ASP B 156 2.27 -21.80 -25.60
N GLU B 157 3.11 -21.46 -26.59
CA GLU B 157 2.74 -21.52 -28.02
C GLU B 157 2.39 -22.97 -28.40
N GLU B 158 3.16 -23.93 -27.89
CA GLU B 158 2.99 -25.38 -28.18
C GLU B 158 1.56 -25.81 -27.78
N LYS B 159 1.12 -25.45 -26.56
CA LYS B 159 -0.16 -25.92 -25.97
C LYS B 159 -1.26 -24.88 -26.21
N ARG B 160 -0.96 -23.82 -26.96
CA ARG B 160 -1.88 -22.74 -27.37
C ARG B 160 -2.66 -22.25 -26.13
N ARG B 161 -1.95 -21.82 -25.09
CA ARG B 161 -2.60 -21.38 -23.83
C ARG B 161 -1.72 -20.35 -23.12
N LYS B 162 -2.35 -19.38 -22.48
CA LYS B 162 -1.70 -18.47 -21.51
C LYS B 162 -1.78 -19.14 -20.14
N PHE B 163 -0.68 -19.16 -19.39
CA PHE B 163 -0.66 -19.71 -18.02
C PHE B 163 -0.20 -18.62 -17.05
N VAL B 164 -0.76 -18.66 -15.85
CA VAL B 164 -0.58 -17.63 -14.80
C VAL B 164 0.38 -18.20 -13.76
N CYS B 165 1.43 -17.44 -13.46
CA CYS B 165 2.46 -17.74 -12.43
C CYS B 165 2.27 -16.73 -11.31
N VAL B 166 2.05 -17.21 -10.09
CA VAL B 166 1.72 -16.36 -8.92
C VAL B 166 2.75 -16.66 -7.84
N ASP B 167 3.51 -15.66 -7.42
CA ASP B 167 4.73 -15.87 -6.64
C ASP B 167 5.16 -14.58 -5.96
N PRO B 168 5.01 -14.47 -4.63
CA PRO B 168 5.49 -13.29 -3.91
C PRO B 168 6.96 -12.97 -4.21
N HIS B 169 7.75 -13.97 -4.57
CA HIS B 169 9.19 -13.79 -4.89
C HIS B 169 9.41 -12.89 -6.11
N ASP B 170 8.39 -12.66 -6.95
CA ASP B 170 8.58 -11.90 -8.21
C ASP B 170 8.33 -10.39 -8.01
N ILE B 171 7.93 -9.95 -6.82
CA ILE B 171 7.49 -8.53 -6.63
C ILE B 171 8.67 -7.61 -6.92
N PRO B 172 8.51 -6.59 -7.81
CA PRO B 172 9.58 -5.62 -8.01
C PRO B 172 9.97 -4.89 -6.71
N GLN B 173 11.25 -4.57 -6.60
CA GLN B 173 11.82 -3.86 -5.42
CA GLN B 173 11.77 -3.87 -5.40
C GLN B 173 11.41 -2.39 -5.47
N VAL B 174 11.38 -1.80 -6.66
CA VAL B 174 10.98 -0.38 -6.82
C VAL B 174 10.11 -0.29 -8.07
N ALA B 175 9.03 0.47 -7.99
CA ALA B 175 8.23 0.85 -9.16
C ALA B 175 8.36 2.36 -9.39
N PHE B 176 8.43 2.77 -10.64
CA PHE B 176 8.51 4.19 -11.05
C PHE B 176 7.32 4.42 -11.96
N ILE B 177 6.31 5.12 -11.46
CA ILE B 177 5.01 5.31 -12.16
C ILE B 177 5.00 6.74 -12.68
N ASP B 178 5.43 6.90 -13.92
CA ASP B 178 5.78 8.21 -14.53
C ASP B 178 4.94 8.39 -15.79
N ALA B 179 3.92 9.24 -15.77
CA ALA B 179 3.03 9.40 -16.95
C ALA B 179 3.84 9.92 -18.15
N ASP B 180 5.02 10.53 -17.96
CA ASP B 180 5.92 10.91 -19.09
C ASP B 180 6.32 9.67 -19.90
N MET B 181 6.41 8.51 -19.27
CA MET B 181 6.78 7.24 -19.95
C MET B 181 5.56 6.67 -20.70
N MET B 182 4.35 7.21 -20.46
CA MET B 182 3.07 6.64 -20.96
C MET B 182 2.46 7.51 -22.08
N ASP B 183 2.87 8.77 -22.21
CA ASP B 183 2.19 9.77 -23.07
C ASP B 183 2.20 9.35 -24.54
N GLY B 184 3.22 8.61 -24.97
CA GLY B 184 3.38 8.19 -26.37
C GLY B 184 2.45 7.04 -26.75
N MET B 185 1.72 6.44 -25.81
CA MET B 185 0.72 5.40 -26.16
C MET B 185 -0.23 5.97 -27.22
N PRO B 186 -0.49 5.27 -28.33
CA PRO B 186 -1.59 5.65 -29.20
C PRO B 186 -2.89 5.74 -28.44
N PRO B 187 -3.81 6.66 -28.79
CA PRO B 187 -5.12 6.74 -28.13
C PRO B 187 -5.80 5.38 -27.97
N ALA B 188 -5.76 4.51 -28.99
CA ALA B 188 -6.42 3.19 -28.90
C ALA B 188 -5.76 2.34 -27.81
N LEU B 189 -4.46 2.48 -27.62
CA LEU B 189 -3.72 1.70 -26.57
C LEU B 189 -4.04 2.29 -25.20
N LYS B 190 -4.16 3.61 -25.09
CA LYS B 190 -4.62 4.23 -23.82
C LYS B 190 -6.02 3.67 -23.51
N ALA B 191 -6.89 3.56 -24.51
CA ALA B 191 -8.28 3.09 -24.32
C ALA B 191 -8.24 1.64 -23.81
N ALA B 192 -7.54 0.76 -24.52
CA ALA B 192 -7.52 -0.70 -24.20
C ALA B 192 -6.83 -0.94 -22.85
N THR B 193 -5.68 -0.33 -22.59
CA THR B 193 -4.97 -0.55 -21.31
C THR B 193 -5.77 0.13 -20.20
N GLY B 194 -6.48 1.23 -20.48
CA GLY B 194 -7.32 1.89 -19.47
C GLY B 194 -8.49 1.02 -19.06
N VAL B 195 -9.12 0.35 -20.02
CA VAL B 195 -10.29 -0.50 -19.68
C VAL B 195 -9.79 -1.82 -19.10
N ASP B 196 -8.58 -2.29 -19.43
CA ASP B 196 -7.95 -3.42 -18.70
C ASP B 196 -7.85 -3.02 -17.23
N ALA B 197 -7.33 -1.83 -16.93
CA ALA B 197 -7.22 -1.35 -15.55
C ALA B 197 -8.61 -1.30 -14.90
N LEU B 198 -9.60 -0.77 -15.59
CA LEU B 198 -10.99 -0.73 -15.06
C LEU B 198 -11.45 -2.16 -14.78
N THR B 199 -11.16 -3.09 -15.67
CA THR B 199 -11.55 -4.51 -15.50
C THR B 199 -10.89 -5.08 -14.24
N HIS B 200 -9.61 -4.80 -14.04
CA HIS B 200 -8.90 -5.22 -12.81
C HIS B 200 -9.68 -4.72 -11.58
N ALA B 201 -10.04 -3.44 -11.60
CA ALA B 201 -10.64 -2.80 -10.41
C ALA B 201 -12.07 -3.32 -10.20
N ILE B 202 -12.86 -3.46 -11.26
CA ILE B 202 -14.24 -3.99 -11.14
C ILE B 202 -14.20 -5.46 -10.74
N GLU B 203 -13.41 -6.29 -11.42
CA GLU B 203 -13.36 -7.73 -11.06
C GLU B 203 -12.81 -7.87 -9.64
N GLY B 204 -11.78 -7.12 -9.29
CA GLY B 204 -11.21 -7.17 -7.93
C GLY B 204 -12.22 -6.74 -6.88
N TYR B 205 -13.04 -5.76 -7.21
CA TYR B 205 -14.06 -5.25 -6.25
C TYR B 205 -15.06 -6.36 -5.91
N ILE B 206 -15.43 -7.20 -6.86
CA ILE B 206 -16.52 -8.21 -6.67
C ILE B 206 -15.93 -9.63 -6.54
N THR B 207 -14.61 -9.80 -6.55
CA THR B 207 -13.98 -11.15 -6.52
C THR B 207 -14.31 -11.85 -5.20
N ARG B 208 -14.25 -13.19 -5.20
CA ARG B 208 -14.67 -13.99 -4.02
C ARG B 208 -13.85 -13.60 -2.80
N GLY B 209 -12.56 -13.30 -2.97
CA GLY B 209 -11.65 -13.00 -1.85
C GLY B 209 -11.70 -11.56 -1.39
N ALA B 210 -12.55 -10.70 -1.95
CA ALA B 210 -12.62 -9.26 -1.63
C ALA B 210 -12.74 -9.07 -0.11
N TRP B 211 -12.04 -8.08 0.43
CA TRP B 211 -12.20 -7.67 1.84
C TRP B 211 -12.00 -6.17 1.97
N ALA B 212 -12.09 -5.62 3.18
CA ALA B 212 -12.29 -4.17 3.36
C ALA B 212 -11.16 -3.39 2.67
N LEU B 213 -9.91 -3.77 2.85
CA LEU B 213 -8.80 -2.96 2.30
C LEU B 213 -8.82 -3.00 0.78
N THR B 214 -9.00 -4.18 0.18
CA THR B 214 -9.00 -4.24 -1.30
C THR B 214 -10.25 -3.54 -1.84
N ASP B 215 -11.37 -3.62 -1.14
CA ASP B 215 -12.58 -2.90 -1.59
C ASP B 215 -12.28 -1.41 -1.66
N ALA B 216 -11.58 -0.87 -0.66
CA ALA B 216 -11.27 0.57 -0.59
C ALA B 216 -10.36 0.94 -1.76
N LEU B 217 -9.35 0.11 -2.03
CA LEU B 217 -8.40 0.41 -3.14
C LEU B 217 -9.15 0.32 -4.47
N HIS B 218 -9.93 -0.72 -4.68
CA HIS B 218 -10.61 -0.95 -5.97
C HIS B 218 -11.63 0.16 -6.26
N ILE B 219 -12.46 0.52 -5.29
CA ILE B 219 -13.51 1.54 -5.60
C ILE B 219 -12.83 2.90 -5.85
N LYS B 220 -11.70 3.17 -5.20
CA LYS B 220 -10.92 4.42 -5.49
C LYS B 220 -10.37 4.33 -6.92
N ALA B 221 -9.78 3.21 -7.31
CA ALA B 221 -9.25 3.02 -8.66
C ALA B 221 -10.34 3.20 -9.71
N ILE B 222 -11.54 2.64 -9.50
CA ILE B 222 -12.65 2.76 -10.48
C ILE B 222 -12.99 4.25 -10.64
N GLU B 223 -13.09 4.99 -9.53
CA GLU B 223 -13.38 6.43 -9.56
C GLU B 223 -12.32 7.16 -10.38
N ILE B 224 -11.05 6.93 -10.10
CA ILE B 224 -9.94 7.64 -10.81
C ILE B 224 -9.99 7.30 -12.30
N ILE B 225 -10.09 6.02 -12.63
CA ILE B 225 -10.04 5.57 -14.05
C ILE B 225 -11.26 6.10 -14.80
N ALA B 226 -12.47 5.90 -14.27
CA ALA B 226 -13.70 6.34 -14.97
C ALA B 226 -13.66 7.86 -15.14
N GLY B 227 -13.08 8.58 -14.20
CA GLY B 227 -12.97 10.05 -14.24
C GLY B 227 -11.98 10.52 -15.28
N ALA B 228 -10.91 9.76 -15.55
CA ALA B 228 -9.74 10.25 -16.31
C ALA B 228 -9.65 9.64 -17.72
N LEU B 229 -10.25 8.48 -17.98
CA LEU B 229 -9.85 7.73 -19.20
C LEU B 229 -10.23 8.49 -20.47
N ARG B 230 -11.43 9.07 -20.55
CA ARG B 230 -11.81 9.81 -21.79
C ARG B 230 -10.81 10.95 -22.02
N GLY B 231 -10.50 11.72 -20.98
CA GLY B 231 -9.53 12.82 -21.09
C GLY B 231 -8.16 12.32 -21.53
N SER B 232 -7.72 11.18 -21.00
CA SER B 232 -6.37 10.65 -21.31
C SER B 232 -6.34 10.22 -22.78
N VAL B 233 -7.36 9.51 -23.23
CA VAL B 233 -7.47 9.09 -24.65
C VAL B 233 -7.46 10.34 -25.55
N ALA B 234 -8.06 11.44 -25.11
CA ALA B 234 -8.12 12.72 -25.86
C ALA B 234 -6.76 13.44 -25.82
N GLY B 235 -5.84 13.02 -24.97
CA GLY B 235 -4.46 13.56 -24.92
C GLY B 235 -4.22 14.53 -23.79
N ASP B 236 -5.14 14.62 -22.82
CA ASP B 236 -5.01 15.54 -21.66
C ASP B 236 -3.86 15.06 -20.76
N LYS B 237 -2.94 15.97 -20.43
CA LYS B 237 -1.73 15.69 -19.61
C LYS B 237 -2.14 15.19 -18.23
N ASP B 238 -3.01 15.94 -17.53
CA ASP B 238 -3.35 15.63 -16.12
C ASP B 238 -4.14 14.31 -16.07
N ALA B 239 -5.02 14.08 -17.04
CA ALA B 239 -5.78 12.81 -17.10
C ALA B 239 -4.80 11.64 -17.24
N GLY B 240 -3.71 11.82 -17.98
CA GLY B 240 -2.71 10.74 -18.14
C GLY B 240 -2.04 10.43 -16.82
N GLU B 241 -1.75 11.44 -16.01
CA GLU B 241 -1.12 11.26 -14.68
C GLU B 241 -2.13 10.59 -13.74
N GLU B 242 -3.40 10.95 -13.83
CA GLU B 242 -4.47 10.30 -13.03
C GLU B 242 -4.58 8.82 -13.43
N MET B 243 -4.56 8.53 -14.72
CA MET B 243 -4.64 7.12 -15.19
C MET B 243 -3.45 6.33 -14.66
N ALA B 244 -2.26 6.92 -14.65
CA ALA B 244 -1.04 6.24 -14.17
C ALA B 244 -1.21 5.85 -12.70
N LEU B 245 -1.81 6.71 -11.90
CA LEU B 245 -2.06 6.38 -10.47
C LEU B 245 -3.22 5.37 -10.37
N GLY B 246 -4.33 5.60 -11.06
CA GLY B 246 -5.51 4.72 -10.96
C GLY B 246 -5.19 3.28 -11.29
N GLN B 247 -4.43 3.06 -12.37
CA GLN B 247 -4.12 1.68 -12.82
C GLN B 247 -3.26 0.99 -11.77
N TYR B 248 -2.40 1.74 -11.09
CA TYR B 248 -1.52 1.18 -10.04
C TYR B 248 -2.35 0.81 -8.81
N VAL B 249 -3.23 1.70 -8.41
CA VAL B 249 -4.09 1.47 -7.21
C VAL B 249 -4.95 0.22 -7.47
N ALA B 250 -5.46 0.01 -8.68
CA ALA B 250 -6.21 -1.22 -9.00
C ALA B 250 -5.31 -2.42 -8.69
N GLY B 251 -4.03 -2.38 -9.10
CA GLY B 251 -3.11 -3.51 -8.93
C GLY B 251 -2.83 -3.80 -7.46
N MET B 252 -2.75 -2.77 -6.63
CA MET B 252 -2.53 -2.95 -5.18
C MET B 252 -3.62 -3.87 -4.62
N GLY B 253 -4.82 -3.79 -5.18
CA GLY B 253 -5.95 -4.63 -4.78
C GLY B 253 -5.92 -6.00 -5.46
N PHE B 254 -6.03 -6.05 -6.79
CA PHE B 254 -6.46 -7.31 -7.43
C PHE B 254 -5.35 -8.36 -7.33
N SER B 255 -4.09 -7.95 -7.30
CA SER B 255 -2.91 -8.82 -7.09
C SER B 255 -3.13 -9.72 -5.88
N ASN B 256 -3.74 -9.14 -4.88
CA ASN B 256 -3.84 -9.73 -3.53
C ASN B 256 -5.16 -10.48 -3.32
N VAL B 257 -6.17 -10.31 -4.17
CA VAL B 257 -7.47 -11.00 -3.90
C VAL B 257 -7.96 -11.81 -5.10
N GLY B 258 -7.66 -11.39 -6.32
CA GLY B 258 -8.14 -12.05 -7.53
C GLY B 258 -9.00 -11.16 -8.39
N VAL B 259 -9.41 -11.71 -9.52
CA VAL B 259 -10.29 -11.05 -10.51
C VAL B 259 -11.41 -12.05 -10.82
N GLY B 260 -11.73 -12.34 -12.08
CA GLY B 260 -12.86 -13.22 -12.33
C GLY B 260 -12.91 -13.67 -13.77
N LEU B 261 -14.13 -13.92 -14.22
CA LEU B 261 -14.40 -14.55 -15.52
C LEU B 261 -14.00 -13.64 -16.68
N VAL B 262 -13.92 -12.32 -16.51
CA VAL B 262 -13.50 -11.47 -17.66
C VAL B 262 -12.07 -11.88 -18.05
N HIS B 263 -11.17 -11.86 -17.08
CA HIS B 263 -9.77 -12.28 -17.34
C HIS B 263 -9.73 -13.75 -17.76
N GLY B 264 -10.56 -14.59 -17.17
CA GLY B 264 -10.63 -16.03 -17.49
C GLY B 264 -10.97 -16.21 -18.95
N MET B 265 -11.87 -15.39 -19.49
CA MET B 265 -12.35 -15.49 -20.90
C MET B 265 -11.40 -14.73 -21.83
N ALA B 266 -10.68 -13.75 -21.32
CA ALA B 266 -9.74 -12.94 -22.14
C ALA B 266 -8.47 -13.73 -22.44
N HIS B 267 -7.96 -14.52 -21.50
CA HIS B 267 -6.68 -15.26 -21.69
C HIS B 267 -6.76 -16.17 -22.92
N PRO B 268 -7.81 -17.01 -23.10
CA PRO B 268 -7.85 -17.87 -24.28
C PRO B 268 -7.89 -17.08 -25.60
N LEU B 269 -8.50 -15.90 -25.62
CA LEU B 269 -8.51 -15.06 -26.84
C LEU B 269 -7.07 -14.65 -27.17
N GLY B 270 -6.30 -14.30 -26.14
CA GLY B 270 -4.87 -14.00 -26.30
C GLY B 270 -4.12 -15.18 -26.87
N ALA B 271 -4.34 -16.38 -26.32
CA ALA B 271 -3.67 -17.63 -26.72
C ALA B 271 -4.06 -17.99 -28.16
N PHE B 272 -5.35 -17.92 -28.49
CA PHE B 272 -5.85 -18.41 -29.81
C PHE B 272 -5.52 -17.43 -30.92
N TYR B 273 -5.62 -16.12 -30.69
CA TYR B 273 -5.66 -15.08 -31.75
C TYR B 273 -4.62 -13.99 -31.55
N ASN B 274 -3.91 -13.97 -30.41
CA ASN B 274 -2.98 -12.87 -30.04
C ASN B 274 -3.79 -11.57 -29.89
N THR B 275 -5.07 -11.67 -29.51
CA THR B 275 -5.93 -10.51 -29.23
C THR B 275 -5.27 -9.68 -28.14
N PRO B 276 -5.14 -8.34 -28.29
CA PRO B 276 -4.63 -7.53 -27.19
C PRO B 276 -5.50 -7.74 -25.96
N HIS B 277 -4.85 -7.89 -24.82
CA HIS B 277 -5.49 -8.25 -23.53
C HIS B 277 -6.58 -7.23 -23.18
N GLY B 278 -6.29 -5.94 -23.28
CA GLY B 278 -7.26 -4.89 -22.89
C GLY B 278 -8.49 -4.87 -23.78
N VAL B 279 -8.32 -5.12 -25.08
CA VAL B 279 -9.45 -5.13 -26.03
C VAL B 279 -10.35 -6.30 -25.67
N ALA B 280 -9.77 -7.48 -25.46
CA ALA B 280 -10.52 -8.68 -25.05
C ALA B 280 -11.31 -8.38 -23.77
N ASN B 281 -10.63 -7.85 -22.76
CA ASN B 281 -11.29 -7.51 -21.46
C ASN B 281 -12.41 -6.50 -21.70
N ALA B 282 -12.15 -5.45 -22.48
CA ALA B 282 -13.13 -4.37 -22.68
C ALA B 282 -14.41 -4.94 -23.28
N ILE B 283 -14.29 -5.77 -24.32
CA ILE B 283 -15.48 -6.33 -25.01
C ILE B 283 -16.25 -7.22 -24.04
N LEU B 284 -15.55 -8.02 -23.25
CA LEU B 284 -16.19 -9.03 -22.38
C LEU B 284 -16.80 -8.38 -21.13
N LEU B 285 -16.15 -7.33 -20.61
CA LEU B 285 -16.44 -6.80 -19.25
C LEU B 285 -17.93 -6.55 -19.02
N PRO B 286 -18.64 -5.76 -19.85
CA PRO B 286 -20.04 -5.45 -19.56
C PRO B 286 -20.92 -6.71 -19.58
N HIS B 287 -20.61 -7.68 -20.45
CA HIS B 287 -21.40 -8.93 -20.53
C HIS B 287 -21.20 -9.77 -19.28
N VAL B 288 -19.96 -9.88 -18.82
CA VAL B 288 -19.65 -10.67 -17.60
C VAL B 288 -20.23 -9.92 -16.39
N MET B 289 -20.22 -8.59 -16.40
CA MET B 289 -20.82 -7.82 -15.29
C MET B 289 -22.31 -8.15 -15.20
N ARG B 290 -23.00 -8.20 -16.34
CA ARG B 290 -24.45 -8.54 -16.36
C ARG B 290 -24.66 -9.95 -15.80
N TYR B 291 -23.84 -10.90 -16.22
CA TYR B 291 -23.90 -12.31 -15.77
C TYR B 291 -23.71 -12.38 -14.26
N ASN B 292 -22.78 -11.58 -13.74
CA ASN B 292 -22.40 -11.63 -12.31
C ASN B 292 -23.38 -10.87 -11.41
N ALA B 293 -24.24 -10.01 -11.95
CA ALA B 293 -24.89 -8.90 -11.19
C ALA B 293 -25.57 -9.41 -9.92
N ASP B 294 -26.30 -10.52 -9.97
CA ASP B 294 -27.08 -10.97 -8.78
C ASP B 294 -26.17 -11.46 -7.66
N PHE B 295 -24.86 -11.61 -7.89
CA PHE B 295 -23.90 -12.16 -6.91
C PHE B 295 -22.97 -11.07 -6.38
N THR B 296 -23.35 -9.80 -6.50
CA THR B 296 -22.46 -8.65 -6.20
C THR B 296 -23.02 -7.77 -5.07
N GLY B 297 -24.07 -8.20 -4.37
CA GLY B 297 -24.62 -7.39 -3.27
C GLY B 297 -24.93 -5.97 -3.73
N GLU B 298 -24.48 -4.95 -3.01
CA GLU B 298 -24.74 -3.52 -3.35
C GLU B 298 -23.61 -2.93 -4.19
N LYS B 299 -22.64 -3.73 -4.60
CA LYS B 299 -21.38 -3.17 -5.15
C LYS B 299 -21.59 -2.45 -6.47
N TYR B 300 -22.55 -2.84 -7.31
CA TYR B 300 -22.73 -2.11 -8.59
C TYR B 300 -23.32 -0.71 -8.35
N ARG B 301 -24.01 -0.49 -7.23
CA ARG B 301 -24.46 0.89 -6.86
C ARG B 301 -23.21 1.77 -6.68
N ASP B 302 -22.18 1.23 -6.01
CA ASP B 302 -20.88 1.91 -5.77
C ASP B 302 -20.19 2.17 -7.11
N ILE B 303 -20.13 1.17 -7.98
CA ILE B 303 -19.47 1.31 -9.29
C ILE B 303 -20.20 2.39 -10.12
N ALA B 304 -21.52 2.31 -10.23
CA ALA B 304 -22.30 3.27 -11.03
C ALA B 304 -22.07 4.68 -10.48
N ARG B 305 -22.10 4.84 -9.17
CA ARG B 305 -21.92 6.14 -8.48
CA ARG B 305 -21.92 6.15 -8.48
C ARG B 305 -20.59 6.77 -8.92
N VAL B 306 -19.49 6.02 -8.87
CA VAL B 306 -18.15 6.61 -9.15
C VAL B 306 -17.91 6.70 -10.66
N MET B 307 -18.77 6.10 -11.49
CA MET B 307 -18.71 6.24 -12.96
C MET B 307 -19.66 7.36 -13.42
N GLY B 308 -20.16 8.16 -12.48
CA GLY B 308 -20.90 9.42 -12.76
C GLY B 308 -22.39 9.21 -12.98
N VAL B 309 -22.93 8.04 -12.64
CA VAL B 309 -24.40 7.78 -12.67
C VAL B 309 -25.02 8.38 -11.40
N LYS B 310 -26.15 9.06 -11.55
CA LYS B 310 -26.97 9.56 -10.41
C LYS B 310 -27.76 8.38 -9.83
N VAL B 311 -27.20 7.70 -8.83
CA VAL B 311 -27.74 6.43 -8.25
C VAL B 311 -28.70 6.73 -7.09
N GLU B 312 -28.80 8.00 -6.66
CA GLU B 312 -29.64 8.42 -5.52
C GLU B 312 -31.07 7.90 -5.74
N GLY B 313 -31.59 7.09 -4.81
CA GLY B 313 -32.97 6.56 -4.83
C GLY B 313 -33.24 5.63 -6.01
N MET B 314 -32.21 5.13 -6.70
CA MET B 314 -32.37 4.01 -7.66
C MET B 314 -32.60 2.74 -6.85
N GLY B 315 -33.49 1.86 -7.32
CA GLY B 315 -33.59 0.49 -6.79
C GLY B 315 -32.32 -0.27 -7.14
N LEU B 316 -32.05 -1.39 -6.48
CA LEU B 316 -30.79 -2.14 -6.70
C LEU B 316 -30.74 -2.63 -8.16
N GLU B 317 -31.84 -3.14 -8.71
CA GLU B 317 -31.88 -3.64 -10.11
C GLU B 317 -31.50 -2.50 -11.08
N GLU B 318 -32.08 -1.32 -10.90
CA GLU B 318 -31.81 -0.16 -11.79
C GLU B 318 -30.33 0.22 -11.70
N ALA B 319 -29.78 0.27 -10.47
CA ALA B 319 -28.38 0.63 -10.22
C ALA B 319 -27.46 -0.41 -10.90
N ARG B 320 -27.80 -1.69 -10.79
CA ARG B 320 -26.99 -2.77 -11.45
C ARG B 320 -26.99 -2.59 -12.96
N ASN B 321 -28.15 -2.31 -13.56
CA ASN B 321 -28.26 -2.07 -15.02
C ASN B 321 -27.44 -0.82 -15.37
N ALA B 322 -27.45 0.18 -14.50
CA ALA B 322 -26.77 1.47 -14.76
C ALA B 322 -25.25 1.26 -14.76
N ALA B 323 -24.72 0.40 -13.88
CA ALA B 323 -23.26 0.13 -13.83
C ALA B 323 -22.85 -0.53 -15.15
N VAL B 324 -23.64 -1.49 -15.62
CA VAL B 324 -23.34 -2.21 -16.89
C VAL B 324 -23.39 -1.20 -18.03
N GLU B 325 -24.44 -0.37 -18.08
CA GLU B 325 -24.58 0.61 -19.18
C GLU B 325 -23.42 1.61 -19.16
N ALA B 326 -22.94 2.03 -17.99
CA ALA B 326 -21.83 3.00 -17.88
C ALA B 326 -20.58 2.40 -18.54
N VAL B 327 -20.38 1.09 -18.38
CA VAL B 327 -19.21 0.41 -18.99
C VAL B 327 -19.40 0.33 -20.52
N PHE B 328 -20.58 -0.06 -21.00
CA PHE B 328 -20.86 -0.05 -22.45
C PHE B 328 -20.60 1.36 -23.02
N ALA B 329 -21.03 2.39 -22.31
CA ALA B 329 -20.93 3.79 -22.78
C ALA B 329 -19.45 4.18 -22.82
N LEU B 330 -18.69 3.87 -21.79
CA LEU B 330 -17.24 4.21 -21.76
C LEU B 330 -16.54 3.52 -22.94
N ASN B 331 -16.85 2.25 -23.17
CA ASN B 331 -16.23 1.48 -24.29
C ASN B 331 -16.52 2.17 -25.63
N ARG B 332 -17.77 2.59 -25.84
CA ARG B 332 -18.16 3.34 -27.07
C ARG B 332 -17.36 4.64 -27.13
N ASP B 333 -17.30 5.37 -26.01
CA ASP B 333 -16.71 6.72 -25.97
C ASP B 333 -15.21 6.67 -26.28
N VAL B 334 -14.51 5.58 -25.92
CA VAL B 334 -13.03 5.50 -26.15
C VAL B 334 -12.73 4.59 -27.36
N GLY B 335 -13.74 4.18 -28.12
CA GLY B 335 -13.56 3.60 -29.46
C GLY B 335 -13.13 2.14 -29.44
N ILE B 336 -13.52 1.37 -28.43
CA ILE B 336 -13.24 -0.09 -28.44
C ILE B 336 -14.37 -0.79 -29.20
N PRO B 337 -14.05 -1.70 -30.15
CA PRO B 337 -15.08 -2.40 -30.91
C PRO B 337 -16.00 -3.11 -29.93
N PRO B 338 -17.33 -3.13 -30.17
CA PRO B 338 -18.26 -3.75 -29.23
C PRO B 338 -18.39 -5.27 -29.29
N HIS B 339 -17.93 -5.91 -30.39
CA HIS B 339 -18.21 -7.34 -30.64
C HIS B 339 -16.91 -8.11 -30.88
N LEU B 340 -16.84 -9.34 -30.39
CA LEU B 340 -15.66 -10.23 -30.60
C LEU B 340 -15.46 -10.52 -32.08
N ARG B 341 -16.53 -10.60 -32.88
CA ARG B 341 -16.36 -10.90 -34.32
C ARG B 341 -15.49 -9.80 -34.94
N ASP B 342 -15.63 -8.58 -34.44
CA ASP B 342 -14.93 -7.40 -35.01
C ASP B 342 -13.42 -7.56 -34.86
N VAL B 343 -12.94 -8.34 -33.89
CA VAL B 343 -11.49 -8.41 -33.57
C VAL B 343 -10.92 -9.80 -33.88
N GLY B 344 -11.57 -10.59 -34.73
CA GLY B 344 -10.96 -11.79 -35.32
C GLY B 344 -11.28 -13.08 -34.59
N VAL B 345 -12.31 -13.10 -33.74
CA VAL B 345 -12.75 -14.36 -33.07
C VAL B 345 -13.61 -15.17 -34.07
N ARG B 346 -13.50 -16.49 -34.01
CA ARG B 346 -14.30 -17.41 -34.86
CA ARG B 346 -14.30 -17.42 -34.85
C ARG B 346 -15.37 -18.09 -33.99
N LYS B 347 -16.62 -18.09 -34.43
CA LYS B 347 -17.73 -18.77 -33.71
C LYS B 347 -17.35 -20.24 -33.47
N GLU B 348 -16.67 -20.87 -34.42
CA GLU B 348 -16.34 -22.31 -34.38
C GLU B 348 -15.41 -22.61 -33.20
N ASP B 349 -14.65 -21.61 -32.72
CA ASP B 349 -13.66 -21.81 -31.64
C ASP B 349 -14.29 -21.64 -30.26
N ILE B 350 -15.54 -21.23 -30.19
CA ILE B 350 -16.15 -20.88 -28.87
C ILE B 350 -16.14 -22.08 -27.94
N PRO B 351 -16.50 -23.32 -28.35
CA PRO B 351 -16.43 -24.46 -27.42
C PRO B 351 -15.02 -24.64 -26.81
N ALA B 352 -13.97 -24.56 -27.60
CA ALA B 352 -12.57 -24.70 -27.14
C ALA B 352 -12.19 -23.50 -26.26
N LEU B 353 -12.57 -22.29 -26.68
CA LEU B 353 -12.29 -21.08 -25.85
C LEU B 353 -12.97 -21.24 -24.49
N ALA B 354 -14.21 -21.72 -24.48
CA ALA B 354 -15.01 -21.82 -23.24
C ALA B 354 -14.35 -22.82 -22.28
N GLN B 355 -13.87 -23.95 -22.78
CA GLN B 355 -13.20 -24.95 -21.92
C GLN B 355 -11.91 -24.33 -21.38
N ALA B 356 -11.17 -23.58 -22.20
CA ALA B 356 -9.92 -22.92 -21.76
C ALA B 356 -10.24 -21.90 -20.69
N ALA B 357 -11.31 -21.12 -20.86
CA ALA B 357 -11.76 -20.13 -19.87
C ALA B 357 -12.19 -20.83 -18.56
N LEU B 358 -12.95 -21.92 -18.65
CA LEU B 358 -13.45 -22.65 -17.46
C LEU B 358 -12.24 -23.08 -16.62
N ASP B 359 -11.15 -23.45 -17.29
CA ASP B 359 -9.94 -24.01 -16.66
C ASP B 359 -8.97 -22.92 -16.22
N ASP B 360 -9.15 -21.66 -16.66
CA ASP B 360 -8.22 -20.56 -16.34
C ASP B 360 -8.33 -20.27 -14.84
N VAL B 361 -7.20 -20.11 -14.16
CA VAL B 361 -7.15 -19.87 -12.69
C VAL B 361 -7.96 -18.63 -12.32
N CYS B 362 -7.99 -17.60 -13.17
CA CYS B 362 -8.71 -16.33 -12.90
C CYS B 362 -10.20 -16.62 -12.68
N THR B 363 -10.76 -17.59 -13.40
CA THR B 363 -12.22 -17.87 -13.38
C THR B 363 -12.67 -18.25 -11.96
N GLY B 364 -11.81 -18.89 -11.19
CA GLY B 364 -12.11 -19.30 -9.81
C GLY B 364 -12.48 -18.14 -8.90
N GLY B 365 -12.02 -16.91 -9.19
CA GLY B 365 -12.35 -15.74 -8.35
C GLY B 365 -13.74 -15.17 -8.61
N ASN B 366 -14.36 -15.59 -9.71
CA ASN B 366 -15.64 -15.03 -10.16
C ASN B 366 -16.69 -15.21 -9.07
N PRO B 367 -17.47 -14.16 -8.73
CA PRO B 367 -18.44 -14.30 -7.64
C PRO B 367 -19.59 -15.25 -7.98
N ARG B 368 -19.89 -15.44 -9.27
CA ARG B 368 -20.87 -16.44 -9.74
C ARG B 368 -20.08 -17.66 -10.25
N GLU B 369 -20.38 -18.86 -9.80
CA GLU B 369 -19.62 -20.08 -10.19
C GLU B 369 -20.02 -20.43 -11.63
N ALA B 370 -19.13 -20.20 -12.59
CA ALA B 370 -19.42 -20.36 -14.03
C ALA B 370 -19.43 -21.83 -14.42
N THR B 371 -20.38 -22.22 -15.27
CA THR B 371 -20.40 -23.53 -15.96
C THR B 371 -19.86 -23.36 -17.37
N LEU B 372 -19.46 -24.45 -17.99
CA LEU B 372 -19.06 -24.46 -19.41
C LEU B 372 -20.15 -23.81 -20.26
N GLU B 373 -21.42 -24.18 -20.05
CA GLU B 373 -22.55 -23.64 -20.86
C GLU B 373 -22.70 -22.13 -20.65
N ASP B 374 -22.50 -21.65 -19.43
CA ASP B 374 -22.56 -20.19 -19.14
C ASP B 374 -21.49 -19.47 -19.96
N ILE B 375 -20.29 -20.04 -20.03
CA ILE B 375 -19.15 -19.37 -20.70
C ILE B 375 -19.37 -19.42 -22.22
N VAL B 376 -19.81 -20.56 -22.74
CA VAL B 376 -20.18 -20.63 -24.18
C VAL B 376 -21.20 -19.52 -24.49
N GLU B 377 -22.23 -19.38 -23.67
CA GLU B 377 -23.29 -18.36 -23.90
C GLU B 377 -22.69 -16.96 -23.83
N LEU B 378 -21.79 -16.68 -22.88
CA LEU B 378 -21.17 -15.34 -22.75
C LEU B 378 -20.35 -15.01 -24.00
N TYR B 379 -19.58 -15.96 -24.54
CA TYR B 379 -18.82 -15.73 -25.78
C TYR B 379 -19.80 -15.42 -26.92
N HIS B 380 -20.89 -16.18 -27.05
CA HIS B 380 -21.90 -15.94 -28.11
C HIS B 380 -22.54 -14.58 -27.93
N THR B 381 -22.86 -14.18 -26.70
CA THR B 381 -23.50 -12.88 -26.40
C THR B 381 -22.58 -11.73 -26.83
N ALA B 382 -21.27 -11.89 -26.62
CA ALA B 382 -20.25 -10.86 -26.92
C ALA B 382 -19.85 -10.91 -28.40
N TRP B 383 -20.26 -11.95 -29.12
CA TRP B 383 -19.85 -12.29 -30.51
C TRP B 383 -20.29 -11.22 -31.52
N THR B 384 -21.56 -10.85 -31.52
CA THR B 384 -22.17 -9.95 -32.54
C THR B 384 -23.51 -9.45 -31.98
N SER B 385 -24.25 -8.66 -32.77
CA SER B 385 -25.64 -8.22 -32.45
C SER B 385 -26.60 -9.41 -32.65
N1 APR C . -2.61 -5.09 26.29
C2 APR C . -2.20 -4.52 27.44
N3 APR C . -1.30 -3.57 27.62
C4 APR C . -0.75 -3.21 26.45
C5 APR C . -1.06 -3.70 25.21
C6 APR C . -2.06 -4.68 25.12
N6 APR C . -2.47 -5.22 23.99
N7 APR C . -0.28 -3.08 24.24
C8 APR C . 0.49 -2.25 24.91
N9 APR C . 0.23 -2.28 26.25
C1' APR C . 0.88 -1.49 27.27
C2' APR C . 2.40 -1.53 27.23
O2' APR C . 2.89 -2.70 27.84
C3' APR C . 2.74 -0.22 27.94
O3' APR C . 2.78 -0.34 29.35
O4' APR C . 0.53 -0.16 27.05
C4' APR C . 1.61 0.71 27.50
C5' APR C . 1.96 1.69 26.42
O5' APR C . 2.64 0.97 25.35
PA APR C . 3.35 1.82 24.22
O1A APR C . 4.05 0.90 23.29
O2A APR C . 4.16 2.92 24.82
O3A APR C . 2.08 2.51 23.53
PB APR C . 1.83 3.12 22.08
O1B APR C . 1.49 2.00 21.14
O2B APR C . 0.91 4.27 22.24
O5D APR C . 3.29 3.64 21.65
C5D APR C . 3.69 4.98 22.01
O4D APR C . 5.11 5.09 20.05
O1D APR C . 4.71 6.54 18.32
C1D APR C . 5.50 6.30 19.45
O2D APR C . 6.12 8.50 20.42
C2D APR C . 5.31 7.35 20.56
O3D APR C . 7.02 6.52 22.17
C3D APR C . 5.64 6.59 21.84
C4D APR C . 5.08 5.20 21.49
H2 APR C . -2.64 -4.82 28.21
H61 APR C . -2.40 -4.76 23.24
H62 APR C . -2.80 -6.03 23.99
H8 APR C . 1.12 -1.69 24.49
H'1 APR C . 0.57 -1.78 28.16
H'2 APR C . 2.71 -1.50 26.28
HO'2 APR C . 3.31 -2.48 28.55
H'3 APR C . 3.61 0.13 27.61
HO'3 APR C . 2.16 0.14 29.69
H'4 APR C . 1.30 1.23 28.28
H5'1 APR C . 2.54 2.40 26.78
H5'2 APR C . 1.13 2.11 26.07
H5R1 APR C . 3.68 5.09 22.99
H5R2 APR C . 3.08 5.64 21.61
HOR1 APR C . 4.25 7.25 18.42
HR'1 APR C . 6.44 6.22 19.19
HOR2 APR C . 6.65 8.57 21.07
HR'2 APR C . 4.35 7.64 20.59
HOR3 APR C . 7.28 5.71 22.11
HR'3 APR C . 5.10 6.99 22.63
HR'4 APR C . 5.69 4.49 21.89
FE FE D . 1.76 9.34 16.79
N1 APR E . 4.16 4.10 -26.48
C2 APR E . 3.99 3.38 -27.59
N3 APR E . 3.77 2.08 -27.74
C4 APR E . 3.74 1.48 -26.55
C5 APR E . 3.89 2.07 -25.31
C6 APR E . 4.10 3.45 -25.28
N6 APR E . 4.24 4.16 -24.17
N7 APR E . 3.80 1.11 -24.31
C8 APR E . 3.61 -0.02 -24.94
N9 APR E . 3.55 0.14 -26.30
C1' APR E . 3.33 -0.89 -27.28
C2' APR E . 4.26 -2.08 -27.17
O2' APR E . 5.49 -1.75 -27.76
C3' APR E . 3.43 -3.16 -27.88
O3' APR E . 3.59 -3.09 -29.29
O4' APR E . 2.04 -1.40 -27.08
C4' APR E . 1.99 -2.79 -27.51
C5' APR E . 1.37 -3.63 -26.42
O5' APR E . 2.30 -3.70 -25.30
PA APR E . 2.04 -4.75 -24.15
O1A APR E . 3.17 -4.68 -23.17
O2A APR E . 1.69 -6.10 -24.71
O3A APR E . 0.68 -4.13 -23.56
PB APR E . -0.04 -4.22 -22.15
O1B APR E . 0.57 -3.24 -21.18
O2B APR E . -1.52 -4.13 -22.40
O5D APR E . 0.31 -5.66 -21.61
C5D APR E . -0.46 -6.80 -22.04
O4D APR E . 0.13 -7.90 -19.97
O1D APR E . -1.33 -8.49 -18.28
C1D APR E . -0.58 -8.95 -19.37
O2D APR E . -1.84 -10.85 -20.29
C2D APR E . -1.47 -9.51 -20.48
O3D APR E . 0.30 -10.41 -21.97
C3D APR E . -0.61 -9.33 -21.73
C4D APR E . 0.14 -8.03 -21.42
H2 APR E . 4.03 3.88 -28.39
H61 APR E . 3.89 3.87 -23.42
H62 APR E . 4.68 4.92 -24.19
H8 APR E . 3.50 -0.85 -24.50
H'1 APR E . 3.40 -0.50 -28.18
H'2 APR E . 4.39 -2.33 -26.22
HO'2 APR E . 5.60 -2.21 -28.47
H'3 APR E . 3.67 -4.07 -27.54
HO'3 APR E . 2.84 -2.86 -29.64
H'4 APR E . 1.42 -2.85 -28.31
H5'1 APR E . 1.18 -4.53 -26.77
H5'2 APR E . 0.52 -3.21 -26.14
H5R1 APR E . -0.45 -6.88 -23.01
H5R2 APR E . -1.40 -6.70 -21.74
HOR1 APR E . -2.16 -8.60 -18.43
HR'1 APR E . 0.07 -9.62 -19.06
HOR2 APR E . -1.52 -11.34 -20.91
HR'2 APR E . -2.32 -8.95 -20.56
HOR3 APR E . 1.09 -10.11 -21.89
HR'3 APR E . -1.23 -9.19 -22.57
HR'4 APR E . 1.11 -8.11 -21.74
FE FE F . -5.47 -7.62 -17.10
#